data_1XSG
# 
_entry.id   1XSG 
# 
_audit_conform.dict_name       mmcif_pdbx.dic 
_audit_conform.dict_version    5.392 
_audit_conform.dict_location   http://mmcif.pdb.org/dictionaries/ascii/mmcif_pdbx.dic 
# 
loop_
_database_2.database_id 
_database_2.database_code 
_database_2.pdbx_database_accession 
_database_2.pdbx_DOI 
PDB   1XSG         pdb_00001xsg 10.2210/pdb1xsg/pdb 
RCSB  RCSB030715   ?            ?                   
WWPDB D_1000030715 ?            ?                   
# 
loop_
_pdbx_audit_revision_history.ordinal 
_pdbx_audit_revision_history.data_content_type 
_pdbx_audit_revision_history.major_revision 
_pdbx_audit_revision_history.minor_revision 
_pdbx_audit_revision_history.revision_date 
1 'Structure model' 1 0 2004-12-28 
2 'Structure model' 1 1 2008-04-30 
3 'Structure model' 1 2 2011-07-13 
4 'Structure model' 1 3 2022-03-02 
5 'Structure model' 1 4 2024-05-29 
# 
_pdbx_audit_revision_details.ordinal             1 
_pdbx_audit_revision_details.revision_ordinal    1 
_pdbx_audit_revision_details.data_content_type   'Structure model' 
_pdbx_audit_revision_details.provider            repository 
_pdbx_audit_revision_details.type                'Initial release' 
_pdbx_audit_revision_details.description         ? 
_pdbx_audit_revision_details.details             ? 
# 
loop_
_pdbx_audit_revision_group.ordinal 
_pdbx_audit_revision_group.revision_ordinal 
_pdbx_audit_revision_group.data_content_type 
_pdbx_audit_revision_group.group 
1 2 'Structure model' 'Version format compliance' 
2 3 'Structure model' 'Version format compliance' 
3 4 'Structure model' 'Data collection'           
4 4 'Structure model' 'Database references'       
5 4 'Structure model' 'Derived calculations'      
6 5 'Structure model' 'Data collection'           
# 
loop_
_pdbx_audit_revision_category.ordinal 
_pdbx_audit_revision_category.revision_ordinal 
_pdbx_audit_revision_category.data_content_type 
_pdbx_audit_revision_category.category 
1 4 'Structure model' database_2            
2 4 'Structure model' pdbx_nmr_software     
3 4 'Structure model' pdbx_struct_assembly  
4 4 'Structure model' pdbx_struct_oper_list 
5 5 'Structure model' chem_comp_atom        
6 5 'Structure model' chem_comp_bond        
# 
loop_
_pdbx_audit_revision_item.ordinal 
_pdbx_audit_revision_item.revision_ordinal 
_pdbx_audit_revision_item.data_content_type 
_pdbx_audit_revision_item.item 
1 4 'Structure model' '_database_2.pdbx_DOI'                
2 4 'Structure model' '_database_2.pdbx_database_accession' 
3 4 'Structure model' '_pdbx_nmr_software.name'             
# 
_pdbx_database_status.status_code                     REL 
_pdbx_database_status.entry_id                        1XSG 
_pdbx_database_status.recvd_initial_deposition_date   2004-10-19 
_pdbx_database_status.deposit_site                    RCSB 
_pdbx_database_status.process_site                    PDBJ 
_pdbx_database_status.SG_entry                        . 
_pdbx_database_status.pdb_format_compatible           Y 
_pdbx_database_status.status_code_mr                  ? 
_pdbx_database_status.status_code_sf                  ? 
_pdbx_database_status.status_code_cs                  ? 
_pdbx_database_status.status_code_nmr_data            ? 
_pdbx_database_status.methods_development_category    ? 
# 
loop_
_pdbx_database_related.db_name 
_pdbx_database_related.db_id 
_pdbx_database_related.details 
_pdbx_database_related.content_type 
PDB 1F6X 'Solution structure of wildtype RNase P RNA P4 oligoribonucleotide' unspecified 
PDB 1XSH 'RNase P RNA P4 stem oligoribonucleotide, U69C/C70U mutation'       unspecified 
# 
_audit_author.name           'Schmitz, M.' 
_audit_author.pdbx_ordinal   1 
# 
_citation.id                        primary 
_citation.title                     
;Change of RNase P RNA function by single base mutation correlates with perturbation of metal ion binding in P4 as determined by NMR spectroscopy
;
_citation.journal_abbrev            'Nucleic Acids Res.' 
_citation.journal_volume            32 
_citation.page_first                6358 
_citation.page_last                 6366 
_citation.year                      2004 
_citation.journal_id_ASTM           NARHAD 
_citation.country                   UK 
_citation.journal_id_ISSN           0305-1048 
_citation.journal_id_CSD            0389 
_citation.book_publisher            ? 
_citation.pdbx_database_id_PubMed   15576680 
_citation.pdbx_database_id_DOI      10.1093/nar/gkh961 
# 
_citation_author.citation_id        primary 
_citation_author.name               'Schmitz, M.' 
_citation_author.ordinal            1 
_citation_author.identifier_ORCID   ? 
# 
_entity.id                         1 
_entity.type                       polymer 
_entity.src_method                 syn 
_entity.pdbx_description           'RNase P RNA P4 stem' 
_entity.formula_weight             8656.183 
_entity.pdbx_number_of_molecules   1 
_entity.pdbx_ec                    ? 
_entity.pdbx_mutation              ? 
_entity.pdbx_fragment              ? 
_entity.details                    ? 
# 
_entity_poly.entity_id                      1 
_entity_poly.type                           polyribonucleotide 
_entity_poly.nstd_linkage                   no 
_entity_poly.nstd_monomer                   no 
_entity_poly.pdbx_seq_one_letter_code       GGAAGACCGGUCUUCGGACCGGCUUCC 
_entity_poly.pdbx_seq_one_letter_code_can   GGAAGACCGGUCUUCGGACCGGCUUCC 
_entity_poly.pdbx_strand_id                 A 
_entity_poly.pdbx_target_identifier         ? 
# 
loop_
_entity_poly_seq.entity_id 
_entity_poly_seq.num 
_entity_poly_seq.mon_id 
_entity_poly_seq.hetero 
1 1  G n 
1 2  G n 
1 3  A n 
1 4  A n 
1 5  G n 
1 6  A n 
1 7  C n 
1 8  C n 
1 9  G n 
1 10 G n 
1 11 U n 
1 12 C n 
1 13 U n 
1 14 U n 
1 15 C n 
1 16 G n 
1 17 G n 
1 18 A n 
1 19 C n 
1 20 C n 
1 21 G n 
1 22 G n 
1 23 C n 
1 24 U n 
1 25 U n 
1 26 C n 
1 27 C n 
# 
_pdbx_entity_src_syn.entity_id              1 
_pdbx_entity_src_syn.pdbx_src_id            1 
_pdbx_entity_src_syn.pdbx_alt_source_flag   sample 
_pdbx_entity_src_syn.pdbx_beg_seq_num       ? 
_pdbx_entity_src_syn.pdbx_end_seq_num       ? 
_pdbx_entity_src_syn.organism_scientific    ? 
_pdbx_entity_src_syn.organism_common_name   ? 
_pdbx_entity_src_syn.ncbi_taxonomy_id       ? 
_pdbx_entity_src_syn.details                'enzymatically synthesized from DNA oligonucleotide template by T7 RNA polymerase' 
# 
loop_
_chem_comp.id 
_chem_comp.type 
_chem_comp.mon_nstd_flag 
_chem_comp.name 
_chem_comp.pdbx_synonyms 
_chem_comp.formula 
_chem_comp.formula_weight 
A 'RNA linking' y "ADENOSINE-5'-MONOPHOSPHATE" ? 'C10 H14 N5 O7 P' 347.221 
C 'RNA linking' y "CYTIDINE-5'-MONOPHOSPHATE"  ? 'C9 H14 N3 O8 P'  323.197 
G 'RNA linking' y "GUANOSINE-5'-MONOPHOSPHATE" ? 'C10 H14 N5 O8 P' 363.221 
U 'RNA linking' y "URIDINE-5'-MONOPHOSPHATE"   ? 'C9 H13 N2 O9 P'  324.181 
# 
loop_
_pdbx_poly_seq_scheme.asym_id 
_pdbx_poly_seq_scheme.entity_id 
_pdbx_poly_seq_scheme.seq_id 
_pdbx_poly_seq_scheme.mon_id 
_pdbx_poly_seq_scheme.ndb_seq_num 
_pdbx_poly_seq_scheme.pdb_seq_num 
_pdbx_poly_seq_scheme.auth_seq_num 
_pdbx_poly_seq_scheme.pdb_mon_id 
_pdbx_poly_seq_scheme.auth_mon_id 
_pdbx_poly_seq_scheme.pdb_strand_id 
_pdbx_poly_seq_scheme.pdb_ins_code 
_pdbx_poly_seq_scheme.hetero 
A 1 1  G 1  1  1  G G A . n 
A 1 2  G 2  2  2  G G A . n 
A 1 3  A 3  3  3  A A A . n 
A 1 4  A 4  4  4  A A A . n 
A 1 5  G 5  5  5  G G A . n 
A 1 6  A 6  6  6  A A A . n 
A 1 7  C 7  7  7  C C A . n 
A 1 8  C 8  8  8  C C A . n 
A 1 9  G 9  9  9  G G A . n 
A 1 10 G 10 10 10 G G A . n 
A 1 11 U 11 11 11 U U A . n 
A 1 12 C 12 12 12 C C A . n 
A 1 13 U 13 13 13 U U A . n 
A 1 14 U 14 14 14 U U A . n 
A 1 15 C 15 15 15 C C A . n 
A 1 16 G 16 16 16 G G A . n 
A 1 17 G 17 17 17 G G A . n 
A 1 18 A 18 18 18 A A A . n 
A 1 19 C 19 19 19 C C A . n 
A 1 20 C 20 20 20 C C A . n 
A 1 21 G 21 21 21 G G A . n 
A 1 22 G 22 22 22 G G A . n 
A 1 23 C 23 23 23 C C A . n 
A 1 24 U 24 24 24 U U A . n 
A 1 25 U 25 25 25 U U A . n 
A 1 26 C 26 26 26 C C A . n 
A 1 27 C 27 27 27 C C A . n 
# 
_exptl.entry_id          1XSG 
_exptl.method            'SOLUTION NMR' 
_exptl.crystals_number   ? 
# 
_exptl_crystal.id                    1 
_exptl_crystal.density_meas          ? 
_exptl_crystal.density_Matthews      ? 
_exptl_crystal.density_percent_sol   ? 
_exptl_crystal.description           ? 
# 
_diffrn.id                     1 
_diffrn.ambient_temp           ? 
_diffrn.ambient_temp_details   ? 
_diffrn.crystal_id             1 
# 
_diffrn_radiation.diffrn_id                        1 
_diffrn_radiation.wavelength_id                    1 
_diffrn_radiation.pdbx_monochromatic_or_laue_m_l   M 
_diffrn_radiation.monochromator                    ? 
_diffrn_radiation.pdbx_diffrn_protocol             'SINGLE WAVELENGTH' 
_diffrn_radiation.pdbx_scattering_type             ? 
# 
_diffrn_radiation_wavelength.id           1 
_diffrn_radiation_wavelength.wavelength   . 
_diffrn_radiation_wavelength.wt           1.0 
# 
_struct.entry_id                  1XSG 
_struct.title                     'Solution structure of E.coli RNase P RNA P4 stem oligoribonucleotide, U69A mutation' 
_struct.pdbx_model_details        ? 
_struct.pdbx_CASP_flag            ? 
_struct.pdbx_model_type_details   'minimized average' 
# 
_struct_keywords.entry_id        1XSG 
_struct_keywords.pdbx_keywords   RNA 
_struct_keywords.text            
'Ribonuclease P RNA, Ribozyme, transfer RNA processing, P4 stem, U69A mutant, metal binding site, RNA' 
# 
_struct_asym.id                            A 
_struct_asym.pdbx_blank_PDB_chainid_flag   N 
_struct_asym.pdbx_modified                 N 
_struct_asym.entity_id                     1 
_struct_asym.details                       ? 
# 
_struct_ref.id                         1 
_struct_ref.entity_id                  1 
_struct_ref.db_name                    PDB 
_struct_ref.db_code                    1XSG 
_struct_ref.pdbx_db_accession          1XSG 
_struct_ref.pdbx_db_isoform            ? 
_struct_ref.pdbx_seq_one_letter_code   ? 
_struct_ref.pdbx_align_begin           ? 
# 
_struct_ref_seq.align_id                      1 
_struct_ref_seq.ref_id                        1 
_struct_ref_seq.pdbx_PDB_id_code              1XSG 
_struct_ref_seq.pdbx_strand_id                A 
_struct_ref_seq.seq_align_beg                 1 
_struct_ref_seq.pdbx_seq_align_beg_ins_code   ? 
_struct_ref_seq.seq_align_end                 27 
_struct_ref_seq.pdbx_seq_align_end_ins_code   ? 
_struct_ref_seq.pdbx_db_accession             1XSG 
_struct_ref_seq.db_align_beg                  1 
_struct_ref_seq.pdbx_db_align_beg_ins_code    ? 
_struct_ref_seq.db_align_end                  27 
_struct_ref_seq.pdbx_db_align_end_ins_code    ? 
_struct_ref_seq.pdbx_auth_seq_align_beg       1 
_struct_ref_seq.pdbx_auth_seq_align_end       27 
# 
_pdbx_struct_assembly.id                   1 
_pdbx_struct_assembly.details              author_defined_assembly 
_pdbx_struct_assembly.method_details       ? 
_pdbx_struct_assembly.oligomeric_details   monomeric 
_pdbx_struct_assembly.oligomeric_count     1 
# 
_pdbx_struct_assembly_gen.assembly_id       1 
_pdbx_struct_assembly_gen.oper_expression   1 
_pdbx_struct_assembly_gen.asym_id_list      A 
# 
_pdbx_struct_oper_list.id                   1 
_pdbx_struct_oper_list.type                 'identity operation' 
_pdbx_struct_oper_list.name                 1_555 
_pdbx_struct_oper_list.symmetry_operation   x,y,z 
_pdbx_struct_oper_list.matrix[1][1]         1.0000000000 
_pdbx_struct_oper_list.matrix[1][2]         0.0000000000 
_pdbx_struct_oper_list.matrix[1][3]         0.0000000000 
_pdbx_struct_oper_list.vector[1]            0.0000000000 
_pdbx_struct_oper_list.matrix[2][1]         0.0000000000 
_pdbx_struct_oper_list.matrix[2][2]         1.0000000000 
_pdbx_struct_oper_list.matrix[2][3]         0.0000000000 
_pdbx_struct_oper_list.vector[2]            0.0000000000 
_pdbx_struct_oper_list.matrix[3][1]         0.0000000000 
_pdbx_struct_oper_list.matrix[3][2]         0.0000000000 
_pdbx_struct_oper_list.matrix[3][3]         1.0000000000 
_pdbx_struct_oper_list.vector[3]            0.0000000000 
# 
_struct_biol.id   1 
# 
loop_
_struct_conn.id 
_struct_conn.conn_type_id 
_struct_conn.pdbx_leaving_atom_flag 
_struct_conn.pdbx_PDB_id 
_struct_conn.ptnr1_label_asym_id 
_struct_conn.ptnr1_label_comp_id 
_struct_conn.ptnr1_label_seq_id 
_struct_conn.ptnr1_label_atom_id 
_struct_conn.pdbx_ptnr1_label_alt_id 
_struct_conn.pdbx_ptnr1_PDB_ins_code 
_struct_conn.pdbx_ptnr1_standard_comp_id 
_struct_conn.ptnr1_symmetry 
_struct_conn.ptnr2_label_asym_id 
_struct_conn.ptnr2_label_comp_id 
_struct_conn.ptnr2_label_seq_id 
_struct_conn.ptnr2_label_atom_id 
_struct_conn.pdbx_ptnr2_label_alt_id 
_struct_conn.pdbx_ptnr2_PDB_ins_code 
_struct_conn.ptnr1_auth_asym_id 
_struct_conn.ptnr1_auth_comp_id 
_struct_conn.ptnr1_auth_seq_id 
_struct_conn.ptnr2_auth_asym_id 
_struct_conn.ptnr2_auth_comp_id 
_struct_conn.ptnr2_auth_seq_id 
_struct_conn.ptnr2_symmetry 
_struct_conn.pdbx_ptnr3_label_atom_id 
_struct_conn.pdbx_ptnr3_label_seq_id 
_struct_conn.pdbx_ptnr3_label_comp_id 
_struct_conn.pdbx_ptnr3_label_asym_id 
_struct_conn.pdbx_ptnr3_label_alt_id 
_struct_conn.pdbx_ptnr3_PDB_ins_code 
_struct_conn.details 
_struct_conn.pdbx_dist_value 
_struct_conn.pdbx_value_order 
_struct_conn.pdbx_role 
hydrog1  hydrog ? ? A G 1  N1 ? ? ? 1_555 A C 27 N3 ? ? A G 1  A C 27 1_555 ? ? ? ? ? ? WATSON-CRICK  ? ? ? 
hydrog2  hydrog ? ? A G 1  N2 ? ? ? 1_555 A C 27 O2 ? ? A G 1  A C 27 1_555 ? ? ? ? ? ? WATSON-CRICK  ? ? ? 
hydrog3  hydrog ? ? A G 1  O6 ? ? ? 1_555 A C 27 N4 ? ? A G 1  A C 27 1_555 ? ? ? ? ? ? WATSON-CRICK  ? ? ? 
hydrog4  hydrog ? ? A G 2  N1 ? ? ? 1_555 A C 26 N3 ? ? A G 2  A C 26 1_555 ? ? ? ? ? ? WATSON-CRICK  ? ? ? 
hydrog5  hydrog ? ? A G 2  N2 ? ? ? 1_555 A C 26 O2 ? ? A G 2  A C 26 1_555 ? ? ? ? ? ? WATSON-CRICK  ? ? ? 
hydrog6  hydrog ? ? A G 2  O6 ? ? ? 1_555 A C 26 N4 ? ? A G 2  A C 26 1_555 ? ? ? ? ? ? WATSON-CRICK  ? ? ? 
hydrog7  hydrog ? ? A A 3  N1 ? ? ? 1_555 A U 25 N3 ? ? A A 3  A U 25 1_555 ? ? ? ? ? ? WATSON-CRICK  ? ? ? 
hydrog8  hydrog ? ? A A 3  N6 ? ? ? 1_555 A U 25 O4 ? ? A A 3  A U 25 1_555 ? ? ? ? ? ? WATSON-CRICK  ? ? ? 
hydrog9  hydrog ? ? A A 4  N1 ? ? ? 1_555 A U 24 N3 ? ? A A 4  A U 24 1_555 ? ? ? ? ? ? WATSON-CRICK  ? ? ? 
hydrog10 hydrog ? ? A A 4  N6 ? ? ? 1_555 A U 24 O4 ? ? A A 4  A U 24 1_555 ? ? ? ? ? ? WATSON-CRICK  ? ? ? 
hydrog11 hydrog ? ? A G 5  N2 ? ? ? 1_555 A A 6  N7 ? ? A G 5  A A 6  1_555 ? ? ? ? ? ? 'G-A MISPAIR' ? ? ? 
hydrog12 hydrog ? ? A G 5  N1 ? ? ? 1_555 A C 23 N3 ? ? A G 5  A C 23 1_555 ? ? ? ? ? ? WATSON-CRICK  ? ? ? 
hydrog13 hydrog ? ? A G 5  N2 ? ? ? 1_555 A C 23 O2 ? ? A G 5  A C 23 1_555 ? ? ? ? ? ? WATSON-CRICK  ? ? ? 
hydrog14 hydrog ? ? A G 5  O6 ? ? ? 1_555 A C 23 N4 ? ? A G 5  A C 23 1_555 ? ? ? ? ? ? WATSON-CRICK  ? ? ? 
hydrog15 hydrog ? ? A A 6  N6 ? ? ? 1_555 A C 23 O2 ? ? A A 6  A C 23 1_555 ? ? ? ? ? ? 'A-C MISPAIR' ? ? ? 
hydrog16 hydrog ? ? A C 7  N3 ? ? ? 1_555 A G 22 N1 ? ? A C 7  A G 22 1_555 ? ? ? ? ? ? WATSON-CRICK  ? ? ? 
hydrog17 hydrog ? ? A C 7  N4 ? ? ? 1_555 A G 22 O6 ? ? A C 7  A G 22 1_555 ? ? ? ? ? ? WATSON-CRICK  ? ? ? 
hydrog18 hydrog ? ? A C 7  O2 ? ? ? 1_555 A G 22 N2 ? ? A C 7  A G 22 1_555 ? ? ? ? ? ? WATSON-CRICK  ? ? ? 
hydrog19 hydrog ? ? A C 8  N3 ? ? ? 1_555 A G 21 N1 ? ? A C 8  A G 21 1_555 ? ? ? ? ? ? WATSON-CRICK  ? ? ? 
hydrog20 hydrog ? ? A C 8  N4 ? ? ? 1_555 A G 21 O6 ? ? A C 8  A G 21 1_555 ? ? ? ? ? ? WATSON-CRICK  ? ? ? 
hydrog21 hydrog ? ? A C 8  O2 ? ? ? 1_555 A G 21 N2 ? ? A C 8  A G 21 1_555 ? ? ? ? ? ? WATSON-CRICK  ? ? ? 
hydrog22 hydrog ? ? A G 9  N1 ? ? ? 1_555 A C 20 N3 ? ? A G 9  A C 20 1_555 ? ? ? ? ? ? WATSON-CRICK  ? ? ? 
hydrog23 hydrog ? ? A G 9  N2 ? ? ? 1_555 A C 20 O2 ? ? A G 9  A C 20 1_555 ? ? ? ? ? ? WATSON-CRICK  ? ? ? 
hydrog24 hydrog ? ? A G 9  O6 ? ? ? 1_555 A C 20 N4 ? ? A G 9  A C 20 1_555 ? ? ? ? ? ? WATSON-CRICK  ? ? ? 
hydrog25 hydrog ? ? A G 10 N1 ? ? ? 1_555 A C 19 N3 ? ? A G 10 A C 19 1_555 ? ? ? ? ? ? WATSON-CRICK  ? ? ? 
hydrog26 hydrog ? ? A G 10 N2 ? ? ? 1_555 A C 19 O2 ? ? A G 10 A C 19 1_555 ? ? ? ? ? ? WATSON-CRICK  ? ? ? 
hydrog27 hydrog ? ? A G 10 O6 ? ? ? 1_555 A C 19 N4 ? ? A G 10 A C 19 1_555 ? ? ? ? ? ? WATSON-CRICK  ? ? ? 
hydrog28 hydrog ? ? A U 11 N3 ? ? ? 1_555 A A 18 N1 ? ? A U 11 A A 18 1_555 ? ? ? ? ? ? WATSON-CRICK  ? ? ? 
hydrog29 hydrog ? ? A U 11 O4 ? ? ? 1_555 A A 18 N6 ? ? A U 11 A A 18 1_555 ? ? ? ? ? ? WATSON-CRICK  ? ? ? 
hydrog30 hydrog ? ? A C 12 N3 ? ? ? 1_555 A G 17 N1 ? ? A C 12 A G 17 1_555 ? ? ? ? ? ? WATSON-CRICK  ? ? ? 
hydrog31 hydrog ? ? A C 12 N4 ? ? ? 1_555 A G 17 O6 ? ? A C 12 A G 17 1_555 ? ? ? ? ? ? WATSON-CRICK  ? ? ? 
hydrog32 hydrog ? ? A C 12 O2 ? ? ? 1_555 A G 17 N2 ? ? A C 12 A G 17 1_555 ? ? ? ? ? ? WATSON-CRICK  ? ? ? 
hydrog33 hydrog ? ? A U 13 O2 ? ? ? 1_555 A G 16 N1 ? ? A U 13 A G 16 1_555 ? ? ? ? ? ? 'U-G MISPAIR' ? ? ? 
hydrog34 hydrog ? ? A U 13 O2 ? ? ? 1_555 A G 17 N1 ? ? A U 13 A G 17 1_555 ? ? ? ? ? ? 'U-G MISPAIR' ? ? ? 
# 
_struct_conn_type.id          hydrog 
_struct_conn_type.criteria    ? 
_struct_conn_type.reference   ? 
# 
_pdbx_nmr_ensemble.entry_id                             1XSG 
_pdbx_nmr_ensemble.conformers_calculated_total_number   ? 
_pdbx_nmr_ensemble.conformers_submitted_total_number    1 
_pdbx_nmr_ensemble.conformer_selection_criteria         ? 
# 
_pdbx_nmr_representative.entry_id             1XSG 
_pdbx_nmr_representative.conformer_id         1 
_pdbx_nmr_representative.selection_criteria   'minimized average structure' 
# 
loop_
_pdbx_nmr_sample_details.solution_id 
_pdbx_nmr_sample_details.contents 
_pdbx_nmr_sample_details.solvent_system 
1 '2mM P4 U69A RNA; 100mM NaCl; 10mM phosphate buffer pH 6.4; 90% H2O, 10% D2O' '90% H2O/10% D2O' 
2 '2mM P4 U69A RNA; 100mM NaCl; 10mM phosphate buffer pH 6.4; 100% D2O'         '100% D2O'        
# 
_pdbx_nmr_exptl_sample_conditions.conditions_id       1 
_pdbx_nmr_exptl_sample_conditions.temperature         288 
_pdbx_nmr_exptl_sample_conditions.pressure            ambient 
_pdbx_nmr_exptl_sample_conditions.pH                  6.4 
_pdbx_nmr_exptl_sample_conditions.ionic_strength      '100mM NaCl' 
_pdbx_nmr_exptl_sample_conditions.pressure_units      ? 
_pdbx_nmr_exptl_sample_conditions.temperature_units   K 
# 
loop_
_pdbx_nmr_exptl.experiment_id 
_pdbx_nmr_exptl.solution_id 
_pdbx_nmr_exptl.conditions_id 
_pdbx_nmr_exptl.type 
1 1 1 '2D NOESY'                
2 2 1 '2D NOESY'                
3 2 1 DQF-COSY                  
4 2 1 31P-1H-Hetero-COSY        
5 2 1 31P-1H-Hetero-TOCSY-NOESY 
# 
_pdbx_nmr_details.entry_id   1XSG 
_pdbx_nmr_details.text       
;The structure was determined using standard 2D homonuclear techniques as well as 13C and 31P heteronuclear experiments performed at natural abundance
;
# 
_pdbx_nmr_refine.entry_id           1XSG 
_pdbx_nmr_refine.method             'restrained molecular dynamics and simulated annealing' 
_pdbx_nmr_refine.details            
;The average structure is based on the superposition of 12 structures after refinement. The average RMS deviation between the ensemble and the average structure is 1.78 Angstrom. A total of 290 NOE-derived distance constraints, 245 dihedral restraints and 48 distance restraints from hydrogen bonds were used in refinement.
;
_pdbx_nmr_refine.software_ordinal   1 
# 
loop_
_pdbx_nmr_software.name 
_pdbx_nmr_software.version 
_pdbx_nmr_software.classification 
_pdbx_nmr_software.authors 
_pdbx_nmr_software.ordinal 
XwinNMR 1.2 collection           Bruker        1 
NMRPipe 2.1 processing           'F. Delaglio' 2 
X-PLOR  3.1 'structure solution' ?             3 
X-PLOR  3.1 refinement           ?             4 
# 
loop_
_chem_comp_atom.comp_id 
_chem_comp_atom.atom_id 
_chem_comp_atom.type_symbol 
_chem_comp_atom.pdbx_aromatic_flag 
_chem_comp_atom.pdbx_stereo_config 
_chem_comp_atom.pdbx_ordinal 
A OP3    O N N 1   
A P      P N N 2   
A OP1    O N N 3   
A OP2    O N N 4   
A "O5'"  O N N 5   
A "C5'"  C N N 6   
A "C4'"  C N R 7   
A "O4'"  O N N 8   
A "C3'"  C N S 9   
A "O3'"  O N N 10  
A "C2'"  C N R 11  
A "O2'"  O N N 12  
A "C1'"  C N R 13  
A N9     N Y N 14  
A C8     C Y N 15  
A N7     N Y N 16  
A C5     C Y N 17  
A C6     C Y N 18  
A N6     N N N 19  
A N1     N Y N 20  
A C2     C Y N 21  
A N3     N Y N 22  
A C4     C Y N 23  
A HOP3   H N N 24  
A HOP2   H N N 25  
A "H5'"  H N N 26  
A "H5''" H N N 27  
A "H4'"  H N N 28  
A "H3'"  H N N 29  
A "HO3'" H N N 30  
A "H2'"  H N N 31  
A "HO2'" H N N 32  
A "H1'"  H N N 33  
A H8     H N N 34  
A H61    H N N 35  
A H62    H N N 36  
A H2     H N N 37  
C OP3    O N N 38  
C P      P N N 39  
C OP1    O N N 40  
C OP2    O N N 41  
C "O5'"  O N N 42  
C "C5'"  C N N 43  
C "C4'"  C N R 44  
C "O4'"  O N N 45  
C "C3'"  C N S 46  
C "O3'"  O N N 47  
C "C2'"  C N R 48  
C "O2'"  O N N 49  
C "C1'"  C N R 50  
C N1     N N N 51  
C C2     C N N 52  
C O2     O N N 53  
C N3     N N N 54  
C C4     C N N 55  
C N4     N N N 56  
C C5     C N N 57  
C C6     C N N 58  
C HOP3   H N N 59  
C HOP2   H N N 60  
C "H5'"  H N N 61  
C "H5''" H N N 62  
C "H4'"  H N N 63  
C "H3'"  H N N 64  
C "HO3'" H N N 65  
C "H2'"  H N N 66  
C "HO2'" H N N 67  
C "H1'"  H N N 68  
C H41    H N N 69  
C H42    H N N 70  
C H5     H N N 71  
C H6     H N N 72  
G OP3    O N N 73  
G P      P N N 74  
G OP1    O N N 75  
G OP2    O N N 76  
G "O5'"  O N N 77  
G "C5'"  C N N 78  
G "C4'"  C N R 79  
G "O4'"  O N N 80  
G "C3'"  C N S 81  
G "O3'"  O N N 82  
G "C2'"  C N R 83  
G "O2'"  O N N 84  
G "C1'"  C N R 85  
G N9     N Y N 86  
G C8     C Y N 87  
G N7     N Y N 88  
G C5     C Y N 89  
G C6     C N N 90  
G O6     O N N 91  
G N1     N N N 92  
G C2     C N N 93  
G N2     N N N 94  
G N3     N N N 95  
G C4     C Y N 96  
G HOP3   H N N 97  
G HOP2   H N N 98  
G "H5'"  H N N 99  
G "H5''" H N N 100 
G "H4'"  H N N 101 
G "H3'"  H N N 102 
G "HO3'" H N N 103 
G "H2'"  H N N 104 
G "HO2'" H N N 105 
G "H1'"  H N N 106 
G H8     H N N 107 
G H1     H N N 108 
G H21    H N N 109 
G H22    H N N 110 
U OP3    O N N 111 
U P      P N N 112 
U OP1    O N N 113 
U OP2    O N N 114 
U "O5'"  O N N 115 
U "C5'"  C N N 116 
U "C4'"  C N R 117 
U "O4'"  O N N 118 
U "C3'"  C N S 119 
U "O3'"  O N N 120 
U "C2'"  C N R 121 
U "O2'"  O N N 122 
U "C1'"  C N R 123 
U N1     N N N 124 
U C2     C N N 125 
U O2     O N N 126 
U N3     N N N 127 
U C4     C N N 128 
U O4     O N N 129 
U C5     C N N 130 
U C6     C N N 131 
U HOP3   H N N 132 
U HOP2   H N N 133 
U "H5'"  H N N 134 
U "H5''" H N N 135 
U "H4'"  H N N 136 
U "H3'"  H N N 137 
U "HO3'" H N N 138 
U "H2'"  H N N 139 
U "HO2'" H N N 140 
U "H1'"  H N N 141 
U H3     H N N 142 
U H5     H N N 143 
U H6     H N N 144 
# 
loop_
_chem_comp_bond.comp_id 
_chem_comp_bond.atom_id_1 
_chem_comp_bond.atom_id_2 
_chem_comp_bond.value_order 
_chem_comp_bond.pdbx_aromatic_flag 
_chem_comp_bond.pdbx_stereo_config 
_chem_comp_bond.pdbx_ordinal 
A OP3   P      sing N N 1   
A OP3   HOP3   sing N N 2   
A P     OP1    doub N N 3   
A P     OP2    sing N N 4   
A P     "O5'"  sing N N 5   
A OP2   HOP2   sing N N 6   
A "O5'" "C5'"  sing N N 7   
A "C5'" "C4'"  sing N N 8   
A "C5'" "H5'"  sing N N 9   
A "C5'" "H5''" sing N N 10  
A "C4'" "O4'"  sing N N 11  
A "C4'" "C3'"  sing N N 12  
A "C4'" "H4'"  sing N N 13  
A "O4'" "C1'"  sing N N 14  
A "C3'" "O3'"  sing N N 15  
A "C3'" "C2'"  sing N N 16  
A "C3'" "H3'"  sing N N 17  
A "O3'" "HO3'" sing N N 18  
A "C2'" "O2'"  sing N N 19  
A "C2'" "C1'"  sing N N 20  
A "C2'" "H2'"  sing N N 21  
A "O2'" "HO2'" sing N N 22  
A "C1'" N9     sing N N 23  
A "C1'" "H1'"  sing N N 24  
A N9    C8     sing Y N 25  
A N9    C4     sing Y N 26  
A C8    N7     doub Y N 27  
A C8    H8     sing N N 28  
A N7    C5     sing Y N 29  
A C5    C6     sing Y N 30  
A C5    C4     doub Y N 31  
A C6    N6     sing N N 32  
A C6    N1     doub Y N 33  
A N6    H61    sing N N 34  
A N6    H62    sing N N 35  
A N1    C2     sing Y N 36  
A C2    N3     doub Y N 37  
A C2    H2     sing N N 38  
A N3    C4     sing Y N 39  
C OP3   P      sing N N 40  
C OP3   HOP3   sing N N 41  
C P     OP1    doub N N 42  
C P     OP2    sing N N 43  
C P     "O5'"  sing N N 44  
C OP2   HOP2   sing N N 45  
C "O5'" "C5'"  sing N N 46  
C "C5'" "C4'"  sing N N 47  
C "C5'" "H5'"  sing N N 48  
C "C5'" "H5''" sing N N 49  
C "C4'" "O4'"  sing N N 50  
C "C4'" "C3'"  sing N N 51  
C "C4'" "H4'"  sing N N 52  
C "O4'" "C1'"  sing N N 53  
C "C3'" "O3'"  sing N N 54  
C "C3'" "C2'"  sing N N 55  
C "C3'" "H3'"  sing N N 56  
C "O3'" "HO3'" sing N N 57  
C "C2'" "O2'"  sing N N 58  
C "C2'" "C1'"  sing N N 59  
C "C2'" "H2'"  sing N N 60  
C "O2'" "HO2'" sing N N 61  
C "C1'" N1     sing N N 62  
C "C1'" "H1'"  sing N N 63  
C N1    C2     sing N N 64  
C N1    C6     sing N N 65  
C C2    O2     doub N N 66  
C C2    N3     sing N N 67  
C N3    C4     doub N N 68  
C C4    N4     sing N N 69  
C C4    C5     sing N N 70  
C N4    H41    sing N N 71  
C N4    H42    sing N N 72  
C C5    C6     doub N N 73  
C C5    H5     sing N N 74  
C C6    H6     sing N N 75  
G OP3   P      sing N N 76  
G OP3   HOP3   sing N N 77  
G P     OP1    doub N N 78  
G P     OP2    sing N N 79  
G P     "O5'"  sing N N 80  
G OP2   HOP2   sing N N 81  
G "O5'" "C5'"  sing N N 82  
G "C5'" "C4'"  sing N N 83  
G "C5'" "H5'"  sing N N 84  
G "C5'" "H5''" sing N N 85  
G "C4'" "O4'"  sing N N 86  
G "C4'" "C3'"  sing N N 87  
G "C4'" "H4'"  sing N N 88  
G "O4'" "C1'"  sing N N 89  
G "C3'" "O3'"  sing N N 90  
G "C3'" "C2'"  sing N N 91  
G "C3'" "H3'"  sing N N 92  
G "O3'" "HO3'" sing N N 93  
G "C2'" "O2'"  sing N N 94  
G "C2'" "C1'"  sing N N 95  
G "C2'" "H2'"  sing N N 96  
G "O2'" "HO2'" sing N N 97  
G "C1'" N9     sing N N 98  
G "C1'" "H1'"  sing N N 99  
G N9    C8     sing Y N 100 
G N9    C4     sing Y N 101 
G C8    N7     doub Y N 102 
G C8    H8     sing N N 103 
G N7    C5     sing Y N 104 
G C5    C6     sing N N 105 
G C5    C4     doub Y N 106 
G C6    O6     doub N N 107 
G C6    N1     sing N N 108 
G N1    C2     sing N N 109 
G N1    H1     sing N N 110 
G C2    N2     sing N N 111 
G C2    N3     doub N N 112 
G N2    H21    sing N N 113 
G N2    H22    sing N N 114 
G N3    C4     sing N N 115 
U OP3   P      sing N N 116 
U OP3   HOP3   sing N N 117 
U P     OP1    doub N N 118 
U P     OP2    sing N N 119 
U P     "O5'"  sing N N 120 
U OP2   HOP2   sing N N 121 
U "O5'" "C5'"  sing N N 122 
U "C5'" "C4'"  sing N N 123 
U "C5'" "H5'"  sing N N 124 
U "C5'" "H5''" sing N N 125 
U "C4'" "O4'"  sing N N 126 
U "C4'" "C3'"  sing N N 127 
U "C4'" "H4'"  sing N N 128 
U "O4'" "C1'"  sing N N 129 
U "C3'" "O3'"  sing N N 130 
U "C3'" "C2'"  sing N N 131 
U "C3'" "H3'"  sing N N 132 
U "O3'" "HO3'" sing N N 133 
U "C2'" "O2'"  sing N N 134 
U "C2'" "C1'"  sing N N 135 
U "C2'" "H2'"  sing N N 136 
U "O2'" "HO2'" sing N N 137 
U "C1'" N1     sing N N 138 
U "C1'" "H1'"  sing N N 139 
U N1    C2     sing N N 140 
U N1    C6     sing N N 141 
U C2    O2     doub N N 142 
U C2    N3     sing N N 143 
U N3    C4     sing N N 144 
U N3    H3     sing N N 145 
U C4    O4     doub N N 146 
U C4    C5     sing N N 147 
U C5    C6     doub N N 148 
U C5    H5     sing N N 149 
U C6    H6     sing N N 150 
# 
loop_
_ndb_struct_conf_na.entry_id 
_ndb_struct_conf_na.feature 
1XSG 'double helix'        
1XSG 'a-form double helix' 
1XSG 'quadruple helix'     
# 
loop_
_ndb_struct_na_base_pair.model_number 
_ndb_struct_na_base_pair.i_label_asym_id 
_ndb_struct_na_base_pair.i_label_comp_id 
_ndb_struct_na_base_pair.i_label_seq_id 
_ndb_struct_na_base_pair.i_symmetry 
_ndb_struct_na_base_pair.j_label_asym_id 
_ndb_struct_na_base_pair.j_label_comp_id 
_ndb_struct_na_base_pair.j_label_seq_id 
_ndb_struct_na_base_pair.j_symmetry 
_ndb_struct_na_base_pair.shear 
_ndb_struct_na_base_pair.stretch 
_ndb_struct_na_base_pair.stagger 
_ndb_struct_na_base_pair.buckle 
_ndb_struct_na_base_pair.propeller 
_ndb_struct_na_base_pair.opening 
_ndb_struct_na_base_pair.pair_number 
_ndb_struct_na_base_pair.pair_name 
_ndb_struct_na_base_pair.i_auth_asym_id 
_ndb_struct_na_base_pair.i_auth_seq_id 
_ndb_struct_na_base_pair.i_PDB_ins_code 
_ndb_struct_na_base_pair.j_auth_asym_id 
_ndb_struct_na_base_pair.j_auth_seq_id 
_ndb_struct_na_base_pair.j_PDB_ins_code 
_ndb_struct_na_base_pair.hbond_type_28 
_ndb_struct_na_base_pair.hbond_type_12 
1 A G 1  1_555 A C 27 1_555 -0.340 -0.299 -0.489 25.306  6.679   -0.059  1  A_G1:C27_A  A 1  ? A 27 ? 19 1 
1 A G 2  1_555 A C 26 1_555 -0.314 -0.217 -0.414 8.510   -3.237  -0.967  2  A_G2:C26_A  A 2  ? A 26 ? 19 1 
1 A A 3  1_555 A U 25 1_555 0.082  -0.318 0.688  12.869  -24.731 -15.598 3  A_A3:U25_A  A 3  ? A 25 ? 20 1 
1 A A 4  1_555 A U 24 1_555 0.223  -0.044 -0.590 -1.011  -9.046  -1.831  4  A_A4:U24_A  A 4  ? A 24 ? 20 1 
1 A G 5  1_555 A C 23 1_555 -0.341 -0.341 -0.801 -5.499  -19.941 1.964   5  A_G5:C23_A  A 5  ? A 23 ? 19 1 
1 A C 7  1_555 A G 22 1_555 -0.042 -0.525 -1.141 4.714   11.169  -10.639 6  A_C7:G22_A  A 7  ? A 22 ? 19 1 
1 A C 8  1_555 A G 21 1_555 -0.178 -0.489 -1.066 -4.005  -0.100  -7.614  7  A_C8:G21_A  A 8  ? A 21 ? 19 1 
1 A G 9  1_555 A C 20 1_555 -0.063 -0.203 0.130  4.298   -1.201  -5.144  8  A_G9:C20_A  A 9  ? A 20 ? 19 1 
1 A G 10 1_555 A C 19 1_555 -0.190 -0.519 -1.136 -0.315  -10.903 5.589   9  A_G10:C19_A A 10 ? A 19 ? 19 1 
1 A U 11 1_555 A A 18 1_555 -0.355 -0.159 -0.533 -15.542 -3.643  -11.214 10 A_U11:A18_A A 11 ? A 18 ? 20 1 
1 A C 12 1_555 A G 17 1_555 0.282  -0.518 -0.968 -12.406 2.462   0.523   11 A_C12:G17_A A 12 ? A 17 ? 19 1 
1 A U 13 1_555 A G 16 1_555 1.088  -5.779 0.553  -2.480  -20.539 -96.480 12 A_U13:G16_A A 13 ? A 16 ? ?  2 
# 
loop_
_ndb_struct_na_base_pair_step.model_number 
_ndb_struct_na_base_pair_step.i_label_asym_id_1 
_ndb_struct_na_base_pair_step.i_label_comp_id_1 
_ndb_struct_na_base_pair_step.i_label_seq_id_1 
_ndb_struct_na_base_pair_step.i_symmetry_1 
_ndb_struct_na_base_pair_step.j_label_asym_id_1 
_ndb_struct_na_base_pair_step.j_label_comp_id_1 
_ndb_struct_na_base_pair_step.j_label_seq_id_1 
_ndb_struct_na_base_pair_step.j_symmetry_1 
_ndb_struct_na_base_pair_step.i_label_asym_id_2 
_ndb_struct_na_base_pair_step.i_label_comp_id_2 
_ndb_struct_na_base_pair_step.i_label_seq_id_2 
_ndb_struct_na_base_pair_step.i_symmetry_2 
_ndb_struct_na_base_pair_step.j_label_asym_id_2 
_ndb_struct_na_base_pair_step.j_label_comp_id_2 
_ndb_struct_na_base_pair_step.j_label_seq_id_2 
_ndb_struct_na_base_pair_step.j_symmetry_2 
_ndb_struct_na_base_pair_step.shift 
_ndb_struct_na_base_pair_step.slide 
_ndb_struct_na_base_pair_step.rise 
_ndb_struct_na_base_pair_step.tilt 
_ndb_struct_na_base_pair_step.roll 
_ndb_struct_na_base_pair_step.twist 
_ndb_struct_na_base_pair_step.x_displacement 
_ndb_struct_na_base_pair_step.y_displacement 
_ndb_struct_na_base_pair_step.helical_rise 
_ndb_struct_na_base_pair_step.inclination 
_ndb_struct_na_base_pair_step.tip 
_ndb_struct_na_base_pair_step.helical_twist 
_ndb_struct_na_base_pair_step.step_number 
_ndb_struct_na_base_pair_step.step_name 
_ndb_struct_na_base_pair_step.i_auth_asym_id_1 
_ndb_struct_na_base_pair_step.i_auth_seq_id_1 
_ndb_struct_na_base_pair_step.i_PDB_ins_code_1 
_ndb_struct_na_base_pair_step.j_auth_asym_id_1 
_ndb_struct_na_base_pair_step.j_auth_seq_id_1 
_ndb_struct_na_base_pair_step.j_PDB_ins_code_1 
_ndb_struct_na_base_pair_step.i_auth_asym_id_2 
_ndb_struct_na_base_pair_step.i_auth_seq_id_2 
_ndb_struct_na_base_pair_step.i_PDB_ins_code_2 
_ndb_struct_na_base_pair_step.j_auth_asym_id_2 
_ndb_struct_na_base_pair_step.j_auth_seq_id_2 
_ndb_struct_na_base_pair_step.j_PDB_ins_code_2 
1 A G 1  1_555 A C 27 1_555 A G 2  1_555 A C 26 1_555 0.275  -1.045 4.866 -0.878 15.565 25.333  -6.643 -0.796 3.619 31.925  1.802 
29.678  1  AA_G1G2:C26C27_AA   A 1  ? A 27 ? A 2  ? A 26 ? 
1 A G 2  1_555 A C 26 1_555 A A 3  1_555 A U 25 1_555 -0.863 -0.962 3.853 -4.240 -5.752 32.322  -0.503 0.641  4.037 -10.178 7.503 
33.082  2  AA_G2A3:U25C26_AA   A 2  ? A 26 ? A 3  ? A 25 ? 
1 A A 3  1_555 A U 25 1_555 A A 4  1_555 A U 24 1_555 1.066  -0.883 4.545 4.839  -6.123 35.111  -0.178 -0.736 4.728 -9.998  -7.900 
35.942  3  AA_A3A4:U24U25_AA   A 3  ? A 25 ? A 4  ? A 24 ? 
1 A A 4  1_555 A U 24 1_555 A G 5  1_555 A C 23 1_555 0.816  -1.476 3.495 1.377  13.382 28.561  -5.161 -1.252 2.596 25.419  -2.615 
31.511  4  AA_A4G5:C23U24_AA   A 4  ? A 24 ? A 5  ? A 23 ? 
1 A G 5  1_555 A C 23 1_555 A C 7  1_555 A G 22 1_555 -2.237 -0.415 3.137 2.486  49.162 39.447  -2.519 2.270  1.647 53.552  -2.708 
62.301  5  AA_G5C7:G22C23_AA   A 5  ? A 23 ? A 7  ? A 22 ? 
1 A C 7  1_555 A G 22 1_555 A C 8  1_555 A G 21 1_555 -0.364 -1.199 4.712 -0.633 6.815  32.350  -3.728 0.488  4.381 12.064  1.121 
33.048  6  AA_C7C8:G21G22_AA   A 7  ? A 22 ? A 8  ? A 21 ? 
1 A C 8  1_555 A G 21 1_555 A G 9  1_555 A C 20 1_555 0.261  -1.078 3.636 -5.956 9.011  29.344  -3.813 -1.681 3.069 17.075  11.287 
31.228  7  AA_C8G9:C20G21_AA   A 8  ? A 21 ? A 9  ? A 20 ? 
1 A G 9  1_555 A C 20 1_555 A G 10 1_555 A C 19 1_555 1.346  -0.967 4.021 6.629  6.694  32.402  -3.020 -0.982 3.940 11.691  
-11.577 33.708  8  AA_G9G10:C19C20_AA  A 9  ? A 20 ? A 10 ? A 19 ? 
1 A G 10 1_555 A C 19 1_555 A U 11 1_555 A A 18 1_555 -2.368 -0.834 4.465 -5.385 3.270  30.512  -2.437 2.956  4.691 6.132   10.096 
31.141  9  AA_G10U11:A18C19_AA A 10 ? A 19 ? A 11 ? A 18 ? 
1 A U 11 1_555 A A 18 1_555 A C 12 1_555 A G 17 1_555 0.648  -0.997 3.953 0.749  9.203  30.781  -3.735 -1.015 3.530 16.868  -1.373 
32.104  10 AA_U11C12:G17A18_AA A 11 ? A 18 ? A 12 ? A 17 ? 
1 A C 12 1_555 A G 17 1_555 A U 13 1_555 A G 16 1_555 1.233  -0.458 2.568 5.822  18.225 107.766 -0.462 -0.700 2.542 11.225  -3.586 
108.925 11 AA_C12U13:G16G17_AA A 12 ? A 17 ? A 13 ? A 16 ? 
# 
_pdbx_nmr_spectrometer.spectrometer_id   1 
_pdbx_nmr_spectrometer.type              ? 
_pdbx_nmr_spectrometer.manufacturer      Bruker 
_pdbx_nmr_spectrometer.model             DMX 
_pdbx_nmr_spectrometer.field_strength    500 
# 
_atom_sites.entry_id                    1XSG 
_atom_sites.fract_transf_matrix[1][1]   1.000000 
_atom_sites.fract_transf_matrix[1][2]   0.000000 
_atom_sites.fract_transf_matrix[1][3]   0.000000 
_atom_sites.fract_transf_matrix[2][1]   0.000000 
_atom_sites.fract_transf_matrix[2][2]   1.000000 
_atom_sites.fract_transf_matrix[2][3]   0.000000 
_atom_sites.fract_transf_matrix[3][1]   0.000000 
_atom_sites.fract_transf_matrix[3][2]   0.000000 
_atom_sites.fract_transf_matrix[3][3]   1.000000 
_atom_sites.fract_transf_vector[1]      0.00000 
_atom_sites.fract_transf_vector[2]      0.00000 
_atom_sites.fract_transf_vector[3]      0.00000 
# 
loop_
_atom_type.symbol 
C 
H 
N 
O 
P 
# 
loop_
_atom_site.group_PDB 
_atom_site.id 
_atom_site.type_symbol 
_atom_site.label_atom_id 
_atom_site.label_alt_id 
_atom_site.label_comp_id 
_atom_site.label_asym_id 
_atom_site.label_entity_id 
_atom_site.label_seq_id 
_atom_site.pdbx_PDB_ins_code 
_atom_site.Cartn_x 
_atom_site.Cartn_y 
_atom_site.Cartn_z 
_atom_site.occupancy 
_atom_site.B_iso_or_equiv 
_atom_site.pdbx_formal_charge 
_atom_site.auth_seq_id 
_atom_site.auth_comp_id 
_atom_site.auth_asym_id 
_atom_site.auth_atom_id 
_atom_site.pdbx_PDB_model_num 
ATOM 1   O "O5'"  . G A 1 1  ? 17.098  6.581   -6.526  1.00 0.00 ? 1  G A "O5'"  1 
ATOM 2   C "C5'"  . G A 1 1  ? 17.200  7.547   -5.477  1.00 0.00 ? 1  G A "C5'"  1 
ATOM 3   C "C4'"  . G A 1 1  ? 15.959  8.431   -5.407  1.00 0.00 ? 1  G A "C4'"  1 
ATOM 4   O "O4'"  . G A 1 1  ? 15.883  9.231   -6.591  1.00 0.00 ? 1  G A "O4'"  1 
ATOM 5   C "C3'"  . G A 1 1  ? 14.640  7.676   -5.375  1.00 0.00 ? 1  G A "C3'"  1 
ATOM 6   O "O3'"  . G A 1 1  ? 14.269  7.535   -4.001  1.00 0.00 ? 1  G A "O3'"  1 
ATOM 7   C "C2'"  . G A 1 1  ? 13.662  8.654   -6.003  1.00 0.00 ? 1  G A "C2'"  1 
ATOM 8   O "O2'"  . G A 1 1  ? 13.199  9.596   -5.032  1.00 0.00 ? 1  G A "O2'"  1 
ATOM 9   C "C1'"  . G A 1 1  ? 14.527  9.344   -7.053  1.00 0.00 ? 1  G A "C1'"  1 
ATOM 10  N N9     . G A 1 1  ? 14.421  8.704   -8.379  1.00 0.00 ? 1  G A N9     1 
ATOM 11  C C8     . G A 1 1  ? 14.875  7.471   -8.775  1.00 0.00 ? 1  G A C8     1 
ATOM 12  N N7     . G A 1 1  ? 14.619  7.194   -10.024 1.00 0.00 ? 1  G A N7     1 
ATOM 13  C C5     . G A 1 1  ? 13.949  8.321   -10.488 1.00 0.00 ? 1  G A C5     1 
ATOM 14  C C6     . G A 1 1  ? 13.419  8.600   -11.779 1.00 0.00 ? 1  G A C6     1 
ATOM 15  O O6     . G A 1 1  ? 13.436  7.889   -12.782 1.00 0.00 ? 1  G A O6     1 
ATOM 16  N N1     . G A 1 1  ? 12.821  9.850   -11.826 1.00 0.00 ? 1  G A N1     1 
ATOM 17  C C2     . G A 1 1  ? 12.739  10.726  -10.768 1.00 0.00 ? 1  G A C2     1 
ATOM 18  N N2     . G A 1 1  ? 12.128  11.889  -10.993 1.00 0.00 ? 1  G A N2     1 
ATOM 19  N N3     . G A 1 1  ? 13.233  10.475  -9.552  1.00 0.00 ? 1  G A N3     1 
ATOM 20  C C4     . G A 1 1  ? 13.823  9.254   -9.488  1.00 0.00 ? 1  G A C4     1 
ATOM 21  H "H5'"  . G A 1 1  ? 18.073  8.175   -5.654  1.00 0.00 ? 1  G A "H5'"  1 
ATOM 22  H "H5''" . G A 1 1  ? 17.322  7.028   -4.527  1.00 0.00 ? 1  G A "H5''" 1 
ATOM 23  H "H4'"  . G A 1 1  ? 16.044  9.089   -4.540  1.00 0.00 ? 1  G A "H4'"  1 
ATOM 24  H "H3'"  . G A 1 1  ? 14.679  6.714   -5.884  1.00 0.00 ? 1  G A "H3'"  1 
ATOM 25  H "H2'"  . G A 1 1  ? 12.830  8.129   -6.470  1.00 0.00 ? 1  G A "H2'"  1 
ATOM 26  H "HO2'" . G A 1 1  ? 13.865  9.648   -4.344  1.00 0.00 ? 1  G A "HO2'" 1 
ATOM 27  H "H1'"  . G A 1 1  ? 14.262  10.396  -7.139  1.00 0.00 ? 1  G A "H1'"  1 
ATOM 28  H H8     . G A 1 1  ? 15.402  6.789   -8.110  1.00 0.00 ? 1  G A H8     1 
ATOM 29  H H1     . G A 1 1  ? 12.418  10.133  -12.707 1.00 0.00 ? 1  G A H1     1 
ATOM 30  H H21    . G A 1 1  ? 11.805  12.118  -11.922 1.00 0.00 ? 1  G A H21    1 
ATOM 31  H H22    . G A 1 1  ? 11.988  12.541  -10.234 1.00 0.00 ? 1  G A H22    1 
ATOM 32  H "HO5'" . G A 1 1  ? 17.992  6.375   -6.811  1.00 0.00 ? 1  G A "HO5'" 1 
ATOM 33  P P      . G A 1 2  ? 13.444  6.244   -3.508  1.00 0.00 ? 2  G A P      1 
ATOM 34  O OP1    . G A 1 2  ? 13.604  6.124   -2.042  1.00 0.00 ? 2  G A OP1    1 
ATOM 35  O OP2    . G A 1 2  ? 13.797  5.106   -4.385  1.00 0.00 ? 2  G A OP2    1 
ATOM 36  O "O5'"  . G A 1 2  ? 11.920  6.663   -3.815  1.00 0.00 ? 2  G A "O5'"  1 
ATOM 37  C "C5'"  . G A 1 2  ? 11.264  7.650   -3.014  1.00 0.00 ? 2  G A "C5'"  1 
ATOM 38  C "C4'"  . G A 1 2  ? 10.102  8.298   -3.759  1.00 0.00 ? 2  G A "C4'"  1 
ATOM 39  O "O4'"  . G A 1 2  ? 10.516  8.631   -5.085  1.00 0.00 ? 2  G A "O4'"  1 
ATOM 40  C "C3'"  . G A 1 2  ? 8.900   7.401   -3.971  1.00 0.00 ? 2  G A "C3'"  1 
ATOM 41  O "O3'"  . G A 1 2  ? 8.025   7.598   -2.856  1.00 0.00 ? 2  G A "O3'"  1 
ATOM 42  C "C2'"  . G A 1 2  ? 8.222   8.013   -5.189  1.00 0.00 ? 2  G A "C2'"  1 
ATOM 43  O "O2'"  . G A 1 2  ? 7.368   9.090   -4.797  1.00 0.00 ? 2  G A "O2'"  1 
ATOM 44  C "C1'"  . G A 1 2  ? 9.410   8.538   -5.999  1.00 0.00 ? 2  G A "C1'"  1 
ATOM 45  N N9     . G A 1 2  ? 9.782   7.627   -7.099  1.00 0.00 ? 2  G A N9     1 
ATOM 46  C C8     . G A 1 2  ? 10.712  6.620   -7.100  1.00 0.00 ? 2  G A C8     1 
ATOM 47  N N7     . G A 1 2  ? 10.796  5.983   -8.235  1.00 0.00 ? 2  G A N7     1 
ATOM 48  C C5     . G A 1 2  ? 9.856   6.612   -9.043  1.00 0.00 ? 2  G A C5     1 
ATOM 49  C C6     . G A 1 2  ? 9.495   6.353   -10.394 1.00 0.00 ? 2  G A C6     1 
ATOM 50  O O6     . G A 1 2  ? 9.945   5.498   -11.154 1.00 0.00 ? 2  G A O6     1 
ATOM 51  N N1     . G A 1 2  ? 8.502   7.217   -10.833 1.00 0.00 ? 2  G A N1     1 
ATOM 52  C C2     . G A 1 2  ? 7.926   8.208   -10.072 1.00 0.00 ? 2  G A C2     1 
ATOM 53  N N2     . G A 1 2  ? 6.987   8.951   -10.658 1.00 0.00 ? 2  G A N2     1 
ATOM 54  N N3     . G A 1 2  ? 8.257   8.459   -8.802  1.00 0.00 ? 2  G A N3     1 
ATOM 55  C C4     . G A 1 2  ? 9.227   7.624   -8.357  1.00 0.00 ? 2  G A C4     1 
ATOM 56  H "H5'"  . G A 1 2  ? 11.984  8.421   -2.740  1.00 0.00 ? 2  G A "H5'"  1 
ATOM 57  H "H5''" . G A 1 2  ? 10.886  7.178   -2.107  1.00 0.00 ? 2  G A "H5''" 1 
ATOM 58  H "H4'"  . G A 1 2  ? 9.813   9.211   -3.238  1.00 0.00 ? 2  G A "H4'"  1 
ATOM 59  H "H3'"  . G A 1 2  ? 9.160   6.350   -4.102  1.00 0.00 ? 2  G A "H3'"  1 
ATOM 60  H "H2'"  . G A 1 2  ? 7.670   7.257   -5.749  1.00 0.00 ? 2  G A "H2'"  1 
ATOM 61  H "HO2'" . G A 1 2  ? 6.499   8.718   -4.624  1.00 0.00 ? 2  G A "HO2'" 1 
ATOM 62  H "H1'"  . G A 1 2  ? 9.197   9.526   -6.408  1.00 0.00 ? 2  G A "H1'"  1 
ATOM 63  H H8     . G A 1 2  ? 11.328  6.377   -6.234  1.00 0.00 ? 2  G A H8     1 
ATOM 64  H H1     . G A 1 2  ? 8.183   7.104   -11.784 1.00 0.00 ? 2  G A H1     1 
ATOM 65  H H21    . G A 1 2  ? 6.751   8.793   -11.628 1.00 0.00 ? 2  G A H21    1 
ATOM 66  H H22    . G A 1 2  ? 6.511   9.670   -10.133 1.00 0.00 ? 2  G A H22    1 
ATOM 67  P P      . A A 1 3  ? 7.069   6.406   -2.346  1.00 0.00 ? 3  A A P      1 
ATOM 68  O OP1    . A A 1 3  ? 6.761   6.638   -0.918  1.00 0.00 ? 3  A A OP1    1 
ATOM 69  O OP2    . A A 1 3  ? 7.664   5.120   -2.774  1.00 0.00 ? 3  A A OP2    1 
ATOM 70  O "O5'"  . A A 1 3  ? 5.724   6.648   -3.198  1.00 0.00 ? 3  A A "O5'"  1 
ATOM 71  C "C5'"  . A A 1 3  ? 4.784   7.649   -2.800  1.00 0.00 ? 3  A A "C5'"  1 
ATOM 72  C "C4'"  . A A 1 3  ? 4.049   8.234   -4.003  1.00 0.00 ? 3  A A "C4'"  1 
ATOM 73  O "O4'"  . A A 1 3  ? 4.939   8.278   -5.125  1.00 0.00 ? 3  A A "O4'"  1 
ATOM 74  C "C3'"  . A A 1 3  ? 2.875   7.410   -4.495  1.00 0.00 ? 3  A A "C3'"  1 
ATOM 75  O "O3'"  . A A 1 3  ? 1.706   7.909   -3.837  1.00 0.00 ? 3  A A "O3'"  1 
ATOM 76  C "C2'"  . A A 1 3  ? 2.777   7.806   -5.958  1.00 0.00 ? 3  A A "C2'"  1 
ATOM 77  O "O2'"  . A A 1 3  ? 2.108   9.062   -6.095  1.00 0.00 ? 3  A A "O2'"  1 
ATOM 78  C "C1'"  . A A 1 3  ? 4.249   7.936   -6.339  1.00 0.00 ? 3  A A "C1'"  1 
ATOM 79  N N9     . A A 1 3  ? 4.805   6.668   -6.851  1.00 0.00 ? 3  A A N9     1 
ATOM 80  C C8     . A A 1 3  ? 5.546   5.728   -6.182  1.00 0.00 ? 3  A A C8     1 
ATOM 81  N N7     . A A 1 3  ? 5.879   4.705   -6.919  1.00 0.00 ? 3  A A N7     1 
ATOM 82  C C5     . A A 1 3  ? 5.320   4.991   -8.159  1.00 0.00 ? 3  A A C5     1 
ATOM 83  C C6     . A A 1 3  ? 5.311   4.299   -9.381  1.00 0.00 ? 3  A A C6     1 
ATOM 84  N N6     . A A 1 3  ? 5.908   3.122   -9.565  1.00 0.00 ? 3  A A N6     1 
ATOM 85  N N1     . A A 1 3  ? 4.665   4.861   -10.413 1.00 0.00 ? 3  A A N1     1 
ATOM 86  C C2     . A A 1 3  ? 4.066   6.033   -10.240 1.00 0.00 ? 3  A A C2     1 
ATOM 87  N N3     . A A 1 3  ? 4.001   6.781   -9.147  1.00 0.00 ? 3  A A N3     1 
ATOM 88  C C4     . A A 1 3  ? 4.661   6.186   -8.130  1.00 0.00 ? 3  A A C4     1 
ATOM 89  H "H5'"  . A A 1 3  ? 5.316   8.448   -2.280  1.00 0.00 ? 3  A A "H5'"  1 
ATOM 90  H "H5''" . A A 1 3  ? 4.058   7.204   -2.121  1.00 0.00 ? 3  A A "H5''" 1 
ATOM 91  H "H4'"  . A A 1 3  ? 3.726   9.247   -3.767  1.00 0.00 ? 3  A A "H4'"  1 
ATOM 92  H "H3'"  . A A 1 3  ? 3.003   6.338   -4.342  1.00 0.00 ? 3  A A "H3'"  1 
ATOM 93  H "H2'"  . A A 1 3  ? 2.287   7.031   -6.546  1.00 0.00 ? 3  A A "H2'"  1 
ATOM 94  H "HO2'" . A A 1 3  ? 1.214   8.879   -6.395  1.00 0.00 ? 3  A A "HO2'" 1 
ATOM 95  H "H1'"  . A A 1 3  ? 4.397   8.724   -7.077  1.00 0.00 ? 3  A A "H1'"  1 
ATOM 96  H H8     . A A 1 3  ? 5.829   5.825   -5.134  1.00 0.00 ? 3  A A H8     1 
ATOM 97  H H61    . A A 1 3  ? 5.880   2.679   -10.472 1.00 0.00 ? 3  A A H61    1 
ATOM 98  H H62    . A A 1 3  ? 6.386   2.672   -8.798  1.00 0.00 ? 3  A A H62    1 
ATOM 99  H H2     . A A 1 3  ? 3.557   6.435   -11.115 1.00 0.00 ? 3  A A H2     1 
ATOM 100 P P      . A A 1 4  ? 0.653   6.896   -3.162  1.00 0.00 ? 4  A A P      1 
ATOM 101 O OP1    . A A 1 4  ? -0.161  7.654   -2.185  1.00 0.00 ? 4  A A OP1    1 
ATOM 102 O OP2    . A A 1 4  ? 1.386   5.684   -2.731  1.00 0.00 ? 4  A A OP2    1 
ATOM 103 O "O5'"  . A A 1 4  ? -0.289  6.501   -4.405  1.00 0.00 ? 4  A A "O5'"  1 
ATOM 104 C "C5'"  . A A 1 4  ? -1.011  7.510   -5.116  1.00 0.00 ? 4  A A "C5'"  1 
ATOM 105 C "C4'"  . A A 1 4  ? -1.191  7.137   -6.581  1.00 0.00 ? 4  A A "C4'"  1 
ATOM 106 O "O4'"  . A A 1 4  ? 0.093   6.885   -7.161  1.00 0.00 ? 4  A A "O4'"  1 
ATOM 107 C "C3'"  . A A 1 4  ? -1.969  5.856   -6.821  1.00 0.00 ? 4  A A "C3'"  1 
ATOM 108 O "O3'"  . A A 1 4  ? -3.335  6.227   -7.025  1.00 0.00 ? 4  A A "O3'"  1 
ATOM 109 C "C2'"  . A A 1 4  ? -1.434  5.366   -8.156  1.00 0.00 ? 4  A A "C2'"  1 
ATOM 110 O "O2'"  . A A 1 4  ? -2.103  6.023   -9.236  1.00 0.00 ? 4  A A "O2'"  1 
ATOM 111 C "C1'"  . A A 1 4  ? 0.033   5.795   -8.094  1.00 0.00 ? 4  A A "C1'"  1 
ATOM 112 N N9     . A A 1 4  ? 0.913   4.712   -7.616  1.00 0.00 ? 4  A A N9     1 
ATOM 113 C C8     . A A 1 4  ? 1.446   4.523   -6.364  1.00 0.00 ? 4  A A C8     1 
ATOM 114 N N7     . A A 1 4  ? 2.192   3.455   -6.270  1.00 0.00 ? 4  A A N7     1 
ATOM 115 C C5     . A A 1 4  ? 2.146   2.904   -7.547  1.00 0.00 ? 4  A A C5     1 
ATOM 116 C C6     . A A 1 4  ? 2.732   1.758   -8.111  1.00 0.00 ? 4  A A C6     1 
ATOM 117 N N6     . A A 1 4  ? 3.515   0.920   -7.432  1.00 0.00 ? 4  A A N6     1 
ATOM 118 N N1     . A A 1 4  ? 2.483   1.503   -9.406  1.00 0.00 ? 4  A A N1     1 
ATOM 119 C C2     . A A 1 4  ? 1.705   2.334   -10.091 1.00 0.00 ? 4  A A C2     1 
ATOM 120 N N3     . A A 1 4  ? 1.099   3.436   -9.678  1.00 0.00 ? 4  A A N3     1 
ATOM 121 C C4     . A A 1 4  ? 1.370   3.663   -8.375  1.00 0.00 ? 4  A A C4     1 
ATOM 122 H "H5'"  . A A 1 4  ? -0.465  8.451   -5.052  1.00 0.00 ? 4  A A "H5'"  1 
ATOM 123 H "H5''" . A A 1 4  ? -1.992  7.635   -4.658  1.00 0.00 ? 4  A A "H5''" 1 
ATOM 124 H "H4'"  . A A 1 4  ? -1.659  7.972   -7.104  1.00 0.00 ? 4  A A "H4'"  1 
ATOM 125 H "H3'"  . A A 1 4  ? -1.861  5.127   -6.017  1.00 0.00 ? 4  A A "H3'"  1 
ATOM 126 H "H2'"  . A A 1 4  ? -1.522  4.283   -8.239  1.00 0.00 ? 4  A A "H2'"  1 
ATOM 127 H "HO2'" . A A 1 4  ? -1.592  6.805   -9.455  1.00 0.00 ? 4  A A "HO2'" 1 
ATOM 128 H "H1'"  . A A 1 4  ? 0.379   6.136   -9.070  1.00 0.00 ? 4  A A "H1'"  1 
ATOM 129 H H8     . A A 1 4  ? 1.268   5.201   -5.529  1.00 0.00 ? 4  A A H8     1 
ATOM 130 H H61    . A A 1 4  ? 3.886   0.096   -7.885  1.00 0.00 ? 4  A A H61    1 
ATOM 131 H H62    . A A 1 4  ? 3.737   1.108   -6.465  1.00 0.00 ? 4  A A H62    1 
ATOM 132 H H2     . A A 1 4  ? 1.544   2.073   -11.137 1.00 0.00 ? 4  A A H2     1 
ATOM 133 P P      . G A 1 5  ? -4.525  5.323   -6.427  1.00 0.00 ? 5  G A P      1 
ATOM 134 O OP1    . G A 1 5  ? -5.788  6.085   -6.543  1.00 0.00 ? 5  G A OP1    1 
ATOM 135 O OP2    . G A 1 5  ? -4.095  4.802   -5.110  1.00 0.00 ? 5  G A OP2    1 
ATOM 136 O "O5'"  . G A 1 5  ? -4.582  4.092   -7.462  1.00 0.00 ? 5  G A "O5'"  1 
ATOM 137 C "C5'"  . G A 1 5  ? -4.577  4.331   -8.872  1.00 0.00 ? 5  G A "C5'"  1 
ATOM 138 C "C4'"  . G A 1 5  ? -4.061  3.122   -9.645  1.00 0.00 ? 5  G A "C4'"  1 
ATOM 139 O "O4'"  . G A 1 5  ? -2.720  2.851   -9.264  1.00 0.00 ? 5  G A "O4'"  1 
ATOM 140 C "C3'"  . G A 1 5  ? -4.782  1.819   -9.347  1.00 0.00 ? 5  G A "C3'"  1 
ATOM 141 O "O3'"  . G A 1 5  ? -5.789  1.664   -10.350 1.00 0.00 ? 5  G A "O3'"  1 
ATOM 142 C "C2'"  . G A 1 5  ? -3.733  0.733   -9.599  1.00 0.00 ? 5  G A "C2'"  1 
ATOM 143 O "O2'"  . G A 1 5  ? -3.945  0.126   -10.876 1.00 0.00 ? 5  G A "O2'"  1 
ATOM 144 C "C1'"  . G A 1 5  ? -2.400  1.497   -9.589  1.00 0.00 ? 5  G A "C1'"  1 
ATOM 145 N N9     . G A 1 5  ? -1.467  0.976   -8.572  1.00 0.00 ? 5  G A N9     1 
ATOM 146 C C8     . G A 1 5  ? -1.231  1.446   -7.306  1.00 0.00 ? 5  G A C8     1 
ATOM 147 N N7     . G A 1 5  ? -0.342  0.757   -6.648  1.00 0.00 ? 5  G A N7     1 
ATOM 148 C C5     . G A 1 5  ? 0.040   -0.240  -7.540  1.00 0.00 ? 5  G A C5     1 
ATOM 149 C C6     . G A 1 5  ? 0.982   -1.292  -7.382  1.00 0.00 ? 5  G A C6     1 
ATOM 150 O O6     . G A 1 5  ? 1.678   -1.552  -6.403  1.00 0.00 ? 5  G A O6     1 
ATOM 151 N N1     . G A 1 5  ? 1.067   -2.078  -8.521  1.00 0.00 ? 5  G A N1     1 
ATOM 152 C C2     . G A 1 5  ? 0.339   -1.880  -9.673  1.00 0.00 ? 5  G A C2     1 
ATOM 153 N N2     . G A 1 5  ? 0.550   -2.731  -10.678 1.00 0.00 ? 5  G A N2     1 
ATOM 154 N N3     . G A 1 5  ? -0.550  -0.893  -9.832  1.00 0.00 ? 5  G A N3     1 
ATOM 155 C C4     . G A 1 5  ? -0.645  -0.116  -8.725  1.00 0.00 ? 5  G A C4     1 
ATOM 156 H "H5'"  . G A 1 5  ? -3.938  5.189   -9.084  1.00 0.00 ? 5  G A "H5'"  1 
ATOM 157 H "H5''" . G A 1 5  ? -5.593  4.554   -9.197  1.00 0.00 ? 5  G A "H5''" 1 
ATOM 158 H "H4'"  . G A 1 5  ? -4.090  3.344   -10.712 1.00 0.00 ? 5  G A "H4'"  1 
ATOM 159 H "H3'"  . G A 1 5  ? -5.205  1.784   -8.343  1.00 0.00 ? 5  G A "H3'"  1 
ATOM 160 H "H2'"  . G A 1 5  ? -3.754  -0.014  -8.806  1.00 0.00 ? 5  G A "H2'"  1 
ATOM 161 H "HO2'" . G A 1 5  ? -3.732  0.782   -11.543 1.00 0.00 ? 5  G A "HO2'" 1 
ATOM 162 H "H1'"  . G A 1 5  ? -1.923  1.463   -10.567 1.00 0.00 ? 5  G A "H1'"  1 
ATOM 163 H H8     . G A 1 5  ? -1.741  2.314   -6.888  1.00 0.00 ? 5  G A H8     1 
ATOM 164 H H1     . G A 1 5  ? 1.715   -2.852  -8.499  1.00 0.00 ? 5  G A H1     1 
ATOM 165 H H21    . G A 1 5  ? 1.160   -3.526  -10.548 1.00 0.00 ? 5  G A H21    1 
ATOM 166 H H22    . G A 1 5  ? 0.100   -2.580  -11.570 1.00 0.00 ? 5  G A H22    1 
ATOM 167 P P      . A A 1 6  ? -6.880  0.485   -10.235 1.00 0.00 ? 6  A A P      1 
ATOM 168 O OP1    . A A 1 6  ? -8.198  1.099   -9.965  1.00 0.00 ? 6  A A OP1    1 
ATOM 169 O OP2    . A A 1 6  ? -6.347  -0.551  -9.321  1.00 0.00 ? 6  A A OP2    1 
ATOM 170 O "O5'"  . A A 1 6  ? -6.902  -0.121  -11.728 1.00 0.00 ? 6  A A "O5'"  1 
ATOM 171 C "C5'"  . A A 1 6  ? -8.075  -0.763  -12.241 1.00 0.00 ? 6  A A "C5'"  1 
ATOM 172 C "C4'"  . A A 1 6  ? -7.955  -2.282  -12.183 1.00 0.00 ? 6  A A "C4'"  1 
ATOM 173 O "O4'"  . A A 1 6  ? -6.666  -2.669  -12.633 1.00 0.00 ? 6  A A "O4'"  1 
ATOM 174 C "C3'"  . A A 1 6  ? -8.040  -2.875  -10.788 1.00 0.00 ? 6  A A "C3'"  1 
ATOM 175 O "O3'"  . A A 1 6  ? -9.398  -3.283  -10.594 1.00 0.00 ? 6  A A "O3'"  1 
ATOM 176 C "C2'"  . A A 1 6  ? -7.198  -4.154  -10.860 1.00 0.00 ? 6  A A "C2'"  1 
ATOM 177 O "O2'"  . A A 1 6  ? -8.046  -5.296  -10.999 1.00 0.00 ? 6  A A "O2'"  1 
ATOM 178 C "C1'"  . A A 1 6  ? -6.349  -3.966  -12.125 1.00 0.00 ? 6  A A "C1'"  1 
ATOM 179 N N9     . A A 1 6  ? -4.902  -4.019  -11.843 1.00 0.00 ? 6  A A N9     1 
ATOM 180 C C8     . A A 1 6  ? -4.089  -3.029  -11.353 1.00 0.00 ? 6  A A C8     1 
ATOM 181 N N7     . A A 1 6  ? -2.842  -3.392  -11.223 1.00 0.00 ? 6  A A N7     1 
ATOM 182 C C5     . A A 1 6  ? -2.834  -4.713  -11.659 1.00 0.00 ? 6  A A C5     1 
ATOM 183 C C6     . A A 1 6  ? -1.812  -5.671  -11.772 1.00 0.00 ? 6  A A C6     1 
ATOM 184 N N6     . A A 1 6  ? -0.542  -5.436  -11.440 1.00 0.00 ? 6  A A N6     1 
ATOM 185 N N1     . A A 1 6  ? -2.144  -6.884  -12.240 1.00 0.00 ? 6  A A N1     1 
ATOM 186 C C2     . A A 1 6  ? -3.406  -7.126  -12.573 1.00 0.00 ? 6  A A C2     1 
ATOM 187 N N3     . A A 1 6  ? -4.452  -6.316  -12.514 1.00 0.00 ? 6  A A N3     1 
ATOM 188 C C4     . A A 1 6  ? -4.084  -5.106  -12.040 1.00 0.00 ? 6  A A C4     1 
ATOM 189 H "H5'"  . A A 1 6  ? -8.222  -0.458  -13.277 1.00 0.00 ? 6  A A "H5'"  1 
ATOM 190 H "H5''" . A A 1 6  ? -8.940  -0.452  -11.655 1.00 0.00 ? 6  A A "H5''" 1 
ATOM 191 H "H4'"  . A A 1 6  ? -8.709  -2.723  -12.836 1.00 0.00 ? 6  A A "H4'"  1 
ATOM 192 H "H3'"  . A A 1 6  ? -7.712  -2.189  -10.009 1.00 0.00 ? 6  A A "H3'"  1 
ATOM 193 H "H2'"  . A A 1 6  ? -6.562  -4.247  -9.980  1.00 0.00 ? 6  A A "H2'"  1 
ATOM 194 H "HO2'" . A A 1 6  ? -8.281  -5.585  -10.115 1.00 0.00 ? 6  A A "HO2'" 1 
ATOM 195 H "H1'"  . A A 1 6  ? -6.596  -4.717  -12.874 1.00 0.00 ? 6  A A "H1'"  1 
ATOM 196 H H8     . A A 1 6  ? -4.451  -2.034  -11.095 1.00 0.00 ? 6  A A H8     1 
ATOM 197 H H61    . A A 1 6  ? 0.159   -6.147  -11.591 1.00 0.00 ? 6  A A H61    1 
ATOM 198 H H62    . A A 1 6  ? -0.280  -4.547  -11.037 1.00 0.00 ? 6  A A H62    1 
ATOM 199 H H2     . A A 1 6  ? -3.608  -8.130  -12.946 1.00 0.00 ? 6  A A H2     1 
ATOM 200 P P      . C A 1 7  ? -10.171 -2.935  -9.226  1.00 0.00 ? 7  C A P      1 
ATOM 201 O OP1    . C A 1 7  ? -10.765 -4.185  -8.700  1.00 0.00 ? 7  C A OP1    1 
ATOM 202 O OP2    . C A 1 7  ? -11.029 -1.753  -9.464  1.00 0.00 ? 7  C A OP2    1 
ATOM 203 O "O5'"  . C A 1 7  ? -8.972  -2.499  -8.246  1.00 0.00 ? 7  C A "O5'"  1 
ATOM 204 C "C5'"  . C A 1 7  ? -8.861  -3.068  -6.939  1.00 0.00 ? 7  C A "C5'"  1 
ATOM 205 C "C4'"  . C A 1 7  ? -8.370  -4.511  -6.997  1.00 0.00 ? 7  C A "C4'"  1 
ATOM 206 O "O4'"  . C A 1 7  ? -7.290  -4.600  -7.929  1.00 0.00 ? 7  C A "O4'"  1 
ATOM 207 C "C3'"  . C A 1 7  ? -7.794  -5.039  -5.696  1.00 0.00 ? 7  C A "C3'"  1 
ATOM 208 O "O3'"  . C A 1 7  ? -8.850  -5.728  -5.021  1.00 0.00 ? 7  C A "O3'"  1 
ATOM 209 C "C2'"  . C A 1 7  ? -6.795  -6.093  -6.149  1.00 0.00 ? 7  C A "C2'"  1 
ATOM 210 O "O2'"  . C A 1 7  ? -7.452  -7.347  -6.361  1.00 0.00 ? 7  C A "O2'"  1 
ATOM 211 C "C1'"  . C A 1 7  ? -6.289  -5.526  -7.474  1.00 0.00 ? 7  C A "C1'"  1 
ATOM 212 N N1     . C A 1 7  ? -5.006  -4.807  -7.321  1.00 0.00 ? 7  C A N1     1 
ATOM 213 C C2     . C A 1 7  ? -3.854  -5.570  -7.184  1.00 0.00 ? 7  C A C2     1 
ATOM 214 O O2     . C A 1 7  ? -3.922  -6.797  -7.190  1.00 0.00 ? 7  C A O2     1 
ATOM 215 N N3     . C A 1 7  ? -2.660  -4.932  -7.044  1.00 0.00 ? 7  C A N3     1 
ATOM 216 C C4     . C A 1 7  ? -2.596  -3.593  -7.040  1.00 0.00 ? 7  C A C4     1 
ATOM 217 N N4     . C A 1 7  ? -1.398  -3.026  -6.898  1.00 0.00 ? 7  C A N4     1 
ATOM 218 C C5     . C A 1 7  ? -3.778  -2.801  -7.182  1.00 0.00 ? 7  C A C5     1 
ATOM 219 C C6     . C A 1 7  ? -4.953  -3.442  -7.318  1.00 0.00 ? 7  C A C6     1 
ATOM 220 H "H5'"  . C A 1 7  ? -9.837  -3.044  -6.457  1.00 0.00 ? 7  C A "H5'"  1 
ATOM 221 H "H5''" . C A 1 7  ? -8.159  -2.476  -6.352  1.00 0.00 ? 7  C A "H5''" 1 
ATOM 222 H "H4'"  . C A 1 7  ? -9.186  -5.147  -7.340  1.00 0.00 ? 7  C A "H4'"  1 
ATOM 223 H "H3'"  . C A 1 7  ? -7.351  -4.264  -5.071  1.00 0.00 ? 7  C A "H3'"  1 
ATOM 224 H "H2'"  . C A 1 7  ? -5.980  -6.193  -5.434  1.00 0.00 ? 7  C A "H2'"  1 
ATOM 225 H "HO2'" . C A 1 7  ? -7.248  -7.627  -7.256  1.00 0.00 ? 7  C A "HO2'" 1 
ATOM 226 H "H1'"  . C A 1 7  ? -6.172  -6.318  -8.214  1.00 0.00 ? 7  C A "H1'"  1 
ATOM 227 H H41    . C A 1 7  ? -0.586  -3.599  -6.723  1.00 0.00 ? 7  C A H41    1 
ATOM 228 H H42    . C A 1 7  ? -1.304  -2.023  -6.963  1.00 0.00 ? 7  C A H42    1 
ATOM 229 H H5     . C A 1 7  ? -3.738  -1.712  -7.189  1.00 0.00 ? 7  C A H5     1 
ATOM 230 H H6     . C A 1 7  ? -5.871  -2.867  -7.424  1.00 0.00 ? 7  C A H6     1 
ATOM 231 P P      . C A 1 8  ? -8.899  -5.781  -3.413  1.00 0.00 ? 8  C A P      1 
ATOM 232 O OP1    . C A 1 8  ? -10.281 -6.117  -3.001  1.00 0.00 ? 8  C A OP1    1 
ATOM 233 O OP2    . C A 1 8  ? -8.251  -4.557  -2.889  1.00 0.00 ? 8  C A OP2    1 
ATOM 234 O "O5'"  . C A 1 8  ? -7.952  -7.037  -3.073  1.00 0.00 ? 8  C A "O5'"  1 
ATOM 235 C "C5'"  . C A 1 8  ? -8.423  -8.374  -3.261  1.00 0.00 ? 8  C A "C5'"  1 
ATOM 236 C "C4'"  . C A 1 8  ? -7.362  -9.401  -2.877  1.00 0.00 ? 8  C A "C4'"  1 
ATOM 237 O "O4'"  . C A 1 8  ? -6.189  -9.182  -3.670  1.00 0.00 ? 8  C A "O4'"  1 
ATOM 238 C "C3'"  . C A 1 8  ? -6.869  -9.297  -1.444  1.00 0.00 ? 8  C A "C3'"  1 
ATOM 239 O "O3'"  . C A 1 8  ? -7.644  -10.210 -0.663  1.00 0.00 ? 8  C A "O3'"  1 
ATOM 240 C "C2'"  . C A 1 8  ? -5.460  -9.860  -1.524  1.00 0.00 ? 8  C A "C2'"  1 
ATOM 241 O "O2'"  . C A 1 8  ? -5.488  -11.289 -1.511  1.00 0.00 ? 8  C A "O2'"  1 
ATOM 242 C "C1'"  . C A 1 8  ? -4.997  -9.344  -2.882  1.00 0.00 ? 8  C A "C1'"  1 
ATOM 243 N N1     . C A 1 8  ? -4.319  -8.030  -2.779  1.00 0.00 ? 8  C A N1     1 
ATOM 244 C C2     . C A 1 8  ? -2.966  -8.021  -2.468  1.00 0.00 ? 8  C A C2     1 
ATOM 245 O O2     . C A 1 8  ? -2.364  -9.078  -2.287  1.00 0.00 ? 8  C A O2     1 
ATOM 246 N N3     . C A 1 8  ? -2.328  -6.822  -2.366  1.00 0.00 ? 8  C A N3     1 
ATOM 247 C C4     . C A 1 8  ? -2.993  -5.675  -2.562  1.00 0.00 ? 8  C A C4     1 
ATOM 248 N N4     . C A 1 8  ? -2.314  -4.534  -2.447  1.00 0.00 ? 8  C A N4     1 
ATOM 249 C C5     . C A 1 8  ? -4.387  -5.677  -2.882  1.00 0.00 ? 8  C A C5     1 
ATOM 250 C C6     . C A 1 8  ? -5.006  -6.869  -2.980  1.00 0.00 ? 8  C A C6     1 
ATOM 251 H "H5'"  . C A 1 8  ? -8.690  -8.513  -4.309  1.00 0.00 ? 8  C A "H5'"  1 
ATOM 252 H "H5''" . C A 1 8  ? -9.308  -8.530  -2.644  1.00 0.00 ? 8  C A "H5''" 1 
ATOM 253 H "H4'"  . C A 1 8  ? -7.747  -10.400 -3.079  1.00 0.00 ? 8  C A "H4'"  1 
ATOM 254 H "H3'"  . C A 1 8  ? -6.908  -8.284  -1.044  1.00 0.00 ? 8  C A "H3'"  1 
ATOM 255 H "H2'"  . C A 1 8  ? -4.834  -9.469  -0.724  1.00 0.00 ? 8  C A "H2'"  1 
ATOM 256 H "HO2'" . C A 1 8  ? -6.205  -11.566 -2.084  1.00 0.00 ? 8  C A "HO2'" 1 
ATOM 257 H "H1'"  . C A 1 8  ? -4.338  -10.063 -3.368  1.00 0.00 ? 8  C A "H1'"  1 
ATOM 258 H H41    . C A 1 8  ? -1.332  -4.552  -2.213  1.00 0.00 ? 8  C A H41    1 
ATOM 259 H H42    . C A 1 8  ? -2.782  -3.651  -2.594  1.00 0.00 ? 8  C A H42    1 
ATOM 260 H H5     . C A 1 8  ? -4.938  -4.752  -3.043  1.00 0.00 ? 8  C A H5     1 
ATOM 261 H H6     . C A 1 8  ? -6.069  -6.906  -3.221  1.00 0.00 ? 8  C A H6     1 
ATOM 262 P P      . G A 1 9  ? -8.239  -9.762  0.765   1.00 0.00 ? 9  G A P      1 
ATOM 263 O OP1    . G A 1 9  ? -9.374  -10.652 1.094   1.00 0.00 ? 9  G A OP1    1 
ATOM 264 O OP2    . G A 1 9  ? -8.432  -8.295  0.747   1.00 0.00 ? 9  G A OP2    1 
ATOM 265 O "O5'"  . G A 1 9  ? -7.027  -10.098 1.770   1.00 0.00 ? 9  G A "O5'"  1 
ATOM 266 C "C5'"  . G A 1 9  ? -6.636  -11.453 2.007   1.00 0.00 ? 9  G A "C5'"  1 
ATOM 267 C "C4'"  . G A 1 9  ? -5.199  -11.544 2.509   1.00 0.00 ? 9  G A "C4'"  1 
ATOM 268 O "O4'"  . G A 1 9  ? -4.333  -10.861 1.599   1.00 0.00 ? 9  G A "O4'"  1 
ATOM 269 C "C3'"  . G A 1 9  ? -4.942  -10.861 3.838   1.00 0.00 ? 9  G A "C3'"  1 
ATOM 270 O "O3'"  . G A 1 9  ? -5.138  -11.839 4.862   1.00 0.00 ? 9  G A "O3'"  1 
ATOM 271 C "C2'"  . G A 1 9  ? -3.454  -10.558 3.783   1.00 0.00 ? 9  G A "C2'"  1 
ATOM 272 O "O2'"  . G A 1 9  ? -2.694  -11.711 4.151   1.00 0.00 ? 9  G A "O2'"  1 
ATOM 273 C "C1'"  . G A 1 9  ? -3.250  -10.228 2.303   1.00 0.00 ? 9  G A "C1'"  1 
ATOM 274 N N9     . G A 1 9  ? -3.300  -8.777  2.042   1.00 0.00 ? 9  G A N9     1 
ATOM 275 C C8     . G A 1 9  ? -4.347  -8.028  1.568   1.00 0.00 ? 9  G A C8     1 
ATOM 276 N N7     . G A 1 9  ? -4.073  -6.759  1.453   1.00 0.00 ? 9  G A N7     1 
ATOM 277 C C5     . G A 1 9  ? -2.753  -6.659  1.877   1.00 0.00 ? 9  G A C5     1 
ATOM 278 C C6     . G A 1 9  ? -1.910  -5.518  1.972   1.00 0.00 ? 9  G A C6     1 
ATOM 279 O O6     . G A 1 9  ? -2.173  -4.350  1.694   1.00 0.00 ? 9  G A O6     1 
ATOM 280 N N1     . G A 1 9  ? -0.651  -5.850  2.447   1.00 0.00 ? 9  G A N1     1 
ATOM 281 C C2     . G A 1 9  ? -0.246  -7.120  2.791   1.00 0.00 ? 9  G A C2     1 
ATOM 282 N N2     . G A 1 9  ? 1.005   -7.259  3.229   1.00 0.00 ? 9  G A N2     1 
ATOM 283 N N3     . G A 1 9  ? -1.030  -8.200  2.705   1.00 0.00 ? 9  G A N3     1 
ATOM 284 C C4     . G A 1 9  ? -2.267  -7.892  2.242   1.00 0.00 ? 9  G A C4     1 
ATOM 285 H "H5'"  . G A 1 9  ? -6.725  -12.015 1.077   1.00 0.00 ? 9  G A "H5'"  1 
ATOM 286 H "H5''" . G A 1 9  ? -7.301  -11.890 2.751   1.00 0.00 ? 9  G A "H5''" 1 
ATOM 287 H "H4'"  . G A 1 9  ? -4.907  -12.593 2.556   1.00 0.00 ? 9  G A "H4'"  1 
ATOM 288 H "H3'"  . G A 1 9  ? -5.559  -9.976  3.997   1.00 0.00 ? 9  G A "H3'"  1 
ATOM 289 H "H2'"  . G A 1 9  ? -3.205  -9.703  4.413   1.00 0.00 ? 9  G A "H2'"  1 
ATOM 290 H "HO2'" . G A 1 9  ? -2.341  -11.553 5.029   1.00 0.00 ? 9  G A "HO2'" 1 
ATOM 291 H "H1'"  . G A 1 9  ? -2.302  -10.628 1.941   1.00 0.00 ? 9  G A "H1'"  1 
ATOM 292 H H8     . G A 1 9  ? -5.317  -8.454  1.311   1.00 0.00 ? 9  G A H8     1 
ATOM 293 H H1     . G A 1 9  ? 0.016   -5.098  2.548   1.00 0.00 ? 9  G A H1     1 
ATOM 294 H H21    . G A 1 9  ? 1.610   -6.453  3.291   1.00 0.00 ? 9  G A H21    1 
ATOM 295 H H22    . G A 1 9  ? 1.348   -8.169  3.500   1.00 0.00 ? 9  G A H22    1 
ATOM 296 P P      . G A 1 10 ? -5.741  -11.412 6.293   1.00 0.00 ? 10 G A P      1 
ATOM 297 O OP1    . G A 1 10 ? -5.911  -12.636 7.108   1.00 0.00 ? 10 G A OP1    1 
ATOM 298 O OP2    . G A 1 10 ? -6.894  -10.514 6.061   1.00 0.00 ? 10 G A OP2    1 
ATOM 299 O "O5'"  . G A 1 10 ? -4.545  -10.543 6.932   1.00 0.00 ? 10 G A "O5'"  1 
ATOM 300 C "C5'"  . G A 1 10 ? -3.392  -11.190 7.475   1.00 0.00 ? 10 G A "C5'"  1 
ATOM 301 C "C4'"  . G A 1 10 ? -2.217  -10.227 7.609   1.00 0.00 ? 10 G A "C4'"  1 
ATOM 302 O "O4'"  . G A 1 10 ? -2.074  -9.475  6.404   1.00 0.00 ? 10 G A "O4'"  1 
ATOM 303 C "C3'"  . G A 1 10 ? -2.374  -9.168  8.675   1.00 0.00 ? 10 G A "C3'"  1 
ATOM 304 O "O3'"  . G A 1 10 ? -1.838  -9.714  9.884   1.00 0.00 ? 10 G A "O3'"  1 
ATOM 305 C "C2'"  . G A 1 10 ? -1.422  -8.076  8.211   1.00 0.00 ? 10 G A "C2'"  1 
ATOM 306 O "O2'"  . G A 1 10 ? -0.091  -8.343  8.664   1.00 0.00 ? 10 G A "O2'"  1 
ATOM 307 C "C1'"  . G A 1 10 ? -1.503  -8.186  6.687   1.00 0.00 ? 10 G A "C1'"  1 
ATOM 308 N N9     . G A 1 10 ? -2.362  -7.139  6.101   1.00 0.00 ? 10 G A N9     1 
ATOM 309 C C8     . G A 1 10 ? -3.675  -7.220  5.712   1.00 0.00 ? 10 G A C8     1 
ATOM 310 N N7     . G A 1 10 ? -4.152  -6.102  5.240   1.00 0.00 ? 10 G A N7     1 
ATOM 311 C C5     . G A 1 10 ? -3.082  -5.218  5.322   1.00 0.00 ? 10 G A C5     1 
ATOM 312 C C6     . G A 1 10 ? -3.001  -3.846  4.952   1.00 0.00 ? 10 G A C6     1 
ATOM 313 O O6     . G A 1 10 ? -3.878  -3.131  4.473   1.00 0.00 ? 10 G A O6     1 
ATOM 314 N N1     . G A 1 10 ? -1.739  -3.324  5.199   1.00 0.00 ? 10 G A N1     1 
ATOM 315 C C2     . G A 1 10 ? -0.684  -4.029  5.732   1.00 0.00 ? 10 G A C2     1 
ATOM 316 N N2     . G A 1 10 ? 0.461   -3.367  5.901   1.00 0.00 ? 10 G A N2     1 
ATOM 317 N N3     . G A 1 10 ? -0.750  -5.316  6.083   1.00 0.00 ? 10 G A N3     1 
ATOM 318 C C4     . G A 1 10 ? -1.978  -5.843  5.848   1.00 0.00 ? 10 G A C4     1 
ATOM 319 H "H5'"  . G A 1 10 ? -3.104  -12.012 6.821   1.00 0.00 ? 10 G A "H5'"  1 
ATOM 320 H "H5''" . G A 1 10 ? -3.638  -11.588 8.459   1.00 0.00 ? 10 G A "H5''" 1 
ATOM 321 H "H4'"  . G A 1 10 ? -1.306  -10.799 7.779   1.00 0.00 ? 10 G A "H4'"  1 
ATOM 322 H "H3'"  . G A 1 10 ? -3.401  -8.825  8.802   1.00 0.00 ? 10 G A "H3'"  1 
ATOM 323 H "H2'"  . G A 1 10 ? -1.759  -7.099  8.539   1.00 0.00 ? 10 G A "H2'"  1 
ATOM 324 H "HO2'" . G A 1 10 ? 0.299   -8.971  8.051   1.00 0.00 ? 10 G A "HO2'" 1 
ATOM 325 H "H1'"  . G A 1 10 ? -0.512  -8.126  6.241   1.00 0.00 ? 10 G A "H1'"  1 
ATOM 326 H H8     . G A 1 10 ? -4.264  -8.134  5.792   1.00 0.00 ? 10 G A H8     1 
ATOM 327 H H1     . G A 1 10 ? -1.591  -2.353  4.966   1.00 0.00 ? 10 G A H1     1 
ATOM 328 H H21    . G A 1 10 ? 0.547   -2.415  5.574   1.00 0.00 ? 10 G A H21    1 
ATOM 329 H H22    . G A 1 10 ? 1.243   -3.818  6.355   1.00 0.00 ? 10 G A H22    1 
ATOM 330 P P      . U A 1 11 ? -2.376  -9.221  11.319  1.00 0.00 ? 11 U A P      1 
ATOM 331 O OP1    . U A 1 11 ? -2.362  -10.379 12.242  1.00 0.00 ? 11 U A OP1    1 
ATOM 332 O OP2    . U A 1 11 ? -3.629  -8.462  11.107  1.00 0.00 ? 11 U A OP2    1 
ATOM 333 O "O5'"  . U A 1 11 ? -1.234  -8.190  11.788  1.00 0.00 ? 11 U A "O5'"  1 
ATOM 334 C "C5'"  . U A 1 11 ? 0.006   -8.668  12.319  1.00 0.00 ? 11 U A "C5'"  1 
ATOM 335 C "C4'"  . U A 1 11 ? 1.001   -7.531  12.519  1.00 0.00 ? 11 U A "C4'"  1 
ATOM 336 O "O4'"  . U A 1 11 ? 1.132   -6.805  11.291  1.00 0.00 ? 11 U A "O4'"  1 
ATOM 337 C "C3'"  . U A 1 11 ? 0.568   -6.486  13.533  1.00 0.00 ? 11 U A "C3'"  1 
ATOM 338 O "O3'"  . U A 1 11 ? 1.175   -6.831  14.781  1.00 0.00 ? 11 U A "O3'"  1 
ATOM 339 C "C2'"  . U A 1 11 ? 1.246   -5.219  13.042  1.00 0.00 ? 11 U A "C2'"  1 
ATOM 340 O "O2'"  . U A 1 11 ? 2.609   -5.179  13.471  1.00 0.00 ? 11 U A "O2'"  1 
ATOM 341 C "C1'"  . U A 1 11 ? 1.167   -5.388  11.527  1.00 0.00 ? 11 U A "C1'"  1 
ATOM 342 N N1     . U A 1 11 ? -0.062  -4.785  10.965  1.00 0.00 ? 11 U A N1     1 
ATOM 343 C C2     . U A 1 11 ? -0.097  -3.407  10.832  1.00 0.00 ? 11 U A C2     1 
ATOM 344 O O2     . U A 1 11 ? 0.845   -2.686  11.155  1.00 0.00 ? 11 U A O2     1 
ATOM 345 N N3     . U A 1 11 ? -1.263  -2.880  10.311  1.00 0.00 ? 11 U A N3     1 
ATOM 346 C C4     . U A 1 11 ? -2.378  -3.598  9.920   1.00 0.00 ? 11 U A C4     1 
ATOM 347 O O4     . U A 1 11 ? -3.359  -3.011  9.467   1.00 0.00 ? 11 U A O4     1 
ATOM 348 C C5     . U A 1 11 ? -2.266  -5.026  10.089  1.00 0.00 ? 11 U A C5     1 
ATOM 349 C C6     . U A 1 11 ? -1.130  -5.566  10.598  1.00 0.00 ? 11 U A C6     1 
ATOM 350 H "H5'"  . U A 1 11 ? 0.431   -9.397  11.628  1.00 0.00 ? 11 U A "H5'"  1 
ATOM 351 H "H5''" . U A 1 11 ? -0.180  -9.152  13.278  1.00 0.00 ? 11 U A "H5''" 1 
ATOM 352 H "H4'"  . U A 1 11 ? 1.970   -7.951  12.789  1.00 0.00 ? 11 U A "H4'"  1 
ATOM 353 H "H3'"  . U A 1 11 ? -0.514  -6.391  13.621  1.00 0.00 ? 11 U A "H3'"  1 
ATOM 354 H "H2'"  . U A 1 11 ? 0.704   -4.331  13.366  1.00 0.00 ? 11 U A "H2'"  1 
ATOM 355 H "HO2'" . U A 1 11 ? 3.150   -5.020  12.693  1.00 0.00 ? 11 U A "HO2'" 1 
ATOM 356 H "H1'"  . U A 1 11 ? 2.041   -4.959  11.036  1.00 0.00 ? 11 U A "H1'"  1 
ATOM 357 H H3     . U A 1 11 ? -1.305  -1.876  10.209  1.00 0.00 ? 11 U A H3     1 
ATOM 358 H H5     . U A 1 11 ? -3.096  -5.675  9.806   1.00 0.00 ? 11 U A H5     1 
ATOM 359 H H6     . U A 1 11 ? -1.060  -6.651  10.711  1.00 0.00 ? 11 U A H6     1 
ATOM 360 P P      . C A 1 12 ? 0.385   -6.593  16.163  1.00 0.00 ? 12 C A P      1 
ATOM 361 O OP1    . C A 1 12 ? 1.237   -7.076  17.273  1.00 0.00 ? 12 C A OP1    1 
ATOM 362 O OP2    . C A 1 12 ? -0.991  -7.116  16.007  1.00 0.00 ? 12 C A OP2    1 
ATOM 363 O "O5'"  . C A 1 12 ? 0.306   -4.988  16.251  1.00 0.00 ? 12 C A "O5'"  1 
ATOM 364 C "C5'"  . C A 1 12 ? 1.470   -4.225  16.577  1.00 0.00 ? 12 C A "C5'"  1 
ATOM 365 C "C4'"  . C A 1 12 ? 1.203   -2.726  16.500  1.00 0.00 ? 12 C A "C4'"  1 
ATOM 366 O "O4'"  . C A 1 12 ? 0.795   -2.381  15.176  1.00 0.00 ? 12 C A "O4'"  1 
ATOM 367 C "C3'"  . C A 1 12 ? 0.060   -2.231  17.361  1.00 0.00 ? 12 C A "C3'"  1 
ATOM 368 O "O3'"  . C A 1 12 ? 0.605   -1.893  18.639  1.00 0.00 ? 12 C A "O3'"  1 
ATOM 369 C "C2'"  . C A 1 12 ? -0.336  -0.928  16.682  1.00 0.00 ? 12 C A "C2'"  1 
ATOM 370 O "O2'"  . C A 1 12 ? 0.505   0.141   17.123  1.00 0.00 ? 12 C A "O2'"  1 
ATOM 371 C "C1'"  . C A 1 12 ? -0.077  -1.238  15.203  1.00 0.00 ? 12 C A "C1'"  1 
ATOM 372 N N1     . C A 1 12 ? -1.324  -1.571  14.475  1.00 0.00 ? 12 C A N1     1 
ATOM 373 C C2     . C A 1 12 ? -2.084  -0.519  13.982  1.00 0.00 ? 12 C A C2     1 
ATOM 374 O O2     . C A 1 12 ? -1.713  0.642   14.147  1.00 0.00 ? 12 C A O2     1 
ATOM 375 N N3     . C A 1 12 ? -3.236  -0.801  13.316  1.00 0.00 ? 12 C A N3     1 
ATOM 376 C C4     . C A 1 12 ? -3.629  -2.068  13.138  1.00 0.00 ? 12 C A C4     1 
ATOM 377 N N4     . C A 1 12 ? -4.766  -2.278  12.476  1.00 0.00 ? 12 C A N4     1 
ATOM 378 C C5     . C A 1 12 ? -2.853  -3.157  13.642  1.00 0.00 ? 12 C A C5     1 
ATOM 379 C C6     . C A 1 12 ? -1.715  -2.866  14.301  1.00 0.00 ? 12 C A C6     1 
ATOM 380 H "H5'"  . C A 1 12 ? 2.270   -4.480  15.881  1.00 0.00 ? 12 C A "H5'"  1 
ATOM 381 H "H5''" . C A 1 12 ? 1.787   -4.478  17.589  1.00 0.00 ? 12 C A "H5''" 1 
ATOM 382 H "H4'"  . C A 1 12 ? 2.122   -2.190  16.739  1.00 0.00 ? 12 C A "H4'"  1 
ATOM 383 H "H3'"  . C A 1 12 ? -0.760  -2.945  17.444  1.00 0.00 ? 12 C A "H3'"  1 
ATOM 384 H "H2'"  . C A 1 12 ? -1.387  -0.701  16.857  1.00 0.00 ? 12 C A "H2'"  1 
ATOM 385 H "HO2'" . C A 1 12 ? 1.209   0.236   16.478  1.00 0.00 ? 12 C A "HO2'" 1 
ATOM 386 H "H1'"  . C A 1 12 ? 0.422   -0.399  14.712  1.00 0.00 ? 12 C A "H1'"  1 
ATOM 387 H H41    . C A 1 12 ? -5.340  -1.495  12.194  1.00 0.00 ? 12 C A H41    1 
ATOM 388 H H42    . C A 1 12 ? -5.057  -3.221  12.256  1.00 0.00 ? 12 C A H42    1 
ATOM 389 H H5     . C A 1 12 ? -3.164  -4.193  13.503  1.00 0.00 ? 12 C A H5     1 
ATOM 390 H H6     . C A 1 12 ? -1.103  -3.673  14.704  1.00 0.00 ? 12 C A H6     1 
ATOM 391 P P      . U A 1 13 ? -0.199  -2.248  19.988  1.00 0.00 ? 13 U A P      1 
ATOM 392 O OP1    . U A 1 13 ? 0.496   -1.601  21.124  1.00 0.00 ? 13 U A OP1    1 
ATOM 393 O OP2    . U A 1 13 ? -0.447  -3.706  20.008  1.00 0.00 ? 13 U A OP2    1 
ATOM 394 O "O5'"  . U A 1 13 ? -1.606  -1.499  19.766  1.00 0.00 ? 13 U A "O5'"  1 
ATOM 395 C "C5'"  . U A 1 13 ? -1.824  -0.192  20.301  1.00 0.00 ? 13 U A "C5'"  1 
ATOM 396 C "C4'"  . U A 1 13 ? -2.897  0.565   19.521  1.00 0.00 ? 13 U A "C4'"  1 
ATOM 397 O "O4'"  . U A 1 13 ? -2.819  0.202   18.138  1.00 0.00 ? 13 U A "O4'"  1 
ATOM 398 C "C3'"  . U A 1 13 ? -4.324  0.231   19.916  1.00 0.00 ? 13 U A "C3'"  1 
ATOM 399 O "O3'"  . U A 1 13 ? -4.727  1.200   20.889  1.00 0.00 ? 13 U A "O3'"  1 
ATOM 400 C "C2'"  . U A 1 13 ? -5.115  0.514   18.648  1.00 0.00 ? 13 U A "C2'"  1 
ATOM 401 O "O2'"  . U A 1 13 ? -5.416  1.909   18.546  1.00 0.00 ? 13 U A "O2'"  1 
ATOM 402 C "C1'"  . U A 1 13 ? -4.130  0.096   17.556  1.00 0.00 ? 13 U A "C1'"  1 
ATOM 403 N N1     . U A 1 13 ? -4.340  -1.303  17.115  1.00 0.00 ? 13 U A N1     1 
ATOM 404 C C2     . U A 1 13 ? -5.286  -1.535  16.131  1.00 0.00 ? 13 U A C2     1 
ATOM 405 O O2     . U A 1 13 ? -5.941  -0.630  15.617  1.00 0.00 ? 13 U A O2     1 
ATOM 406 N N3     . U A 1 13 ? -5.452  -2.853  15.750  1.00 0.00 ? 13 U A N3     1 
ATOM 407 C C4     . U A 1 13 ? -4.767  -3.941  16.259  1.00 0.00 ? 13 U A C4     1 
ATOM 408 O O4     . U A 1 13 ? -5.005  -5.070  15.837  1.00 0.00 ? 13 U A O4     1 
ATOM 409 C C5     . U A 1 13 ? -3.798  -3.618  17.281  1.00 0.00 ? 13 U A C5     1 
ATOM 410 C C6     . U A 1 13 ? -3.619  -2.330  17.670  1.00 0.00 ? 13 U A C6     1 
ATOM 411 H "H5'"  . U A 1 13 ? -0.887  0.367   20.261  1.00 0.00 ? 13 U A "H5'"  1 
ATOM 412 H "H5''" . U A 1 13 ? -2.139  -0.282  21.341  1.00 0.00 ? 13 U A "H5''" 1 
ATOM 413 H "H4'"  . U A 1 13 ? -2.716  1.637   19.614  1.00 0.00 ? 13 U A "H4'"  1 
ATOM 414 H "H3'"  . U A 1 13 ? -4.444  -0.788  20.283  1.00 0.00 ? 13 U A "H3'"  1 
ATOM 415 H "H2'"  . U A 1 13 ? -6.021  -0.090  18.610  1.00 0.00 ? 13 U A "H2'"  1 
ATOM 416 H "HO2'" . U A 1 13 ? -5.444  2.126   17.611  1.00 0.00 ? 13 U A "HO2'" 1 
ATOM 417 H "H1'"  . U A 1 13 ? -4.195  0.767   16.697  1.00 0.00 ? 13 U A "H1'"  1 
ATOM 418 H H3     . U A 1 13 ? -6.138  -3.039  15.032  1.00 0.00 ? 13 U A H3     1 
ATOM 419 H H5     . U A 1 13 ? -3.208  -4.410  17.740  1.00 0.00 ? 13 U A H5     1 
ATOM 420 H H6     . U A 1 13 ? -2.885  -2.106  18.442  1.00 0.00 ? 13 U A H6     1 
ATOM 421 P P      . U A 1 14 ? -4.959  0.770   22.423  1.00 0.00 ? 14 U A P      1 
ATOM 422 O OP1    . U A 1 14 ? -5.043  1.998   23.243  1.00 0.00 ? 14 U A OP1    1 
ATOM 423 O OP2    . U A 1 14 ? -3.970  -0.277  22.763  1.00 0.00 ? 14 U A OP2    1 
ATOM 424 O "O5'"  . U A 1 14 ? -6.418  0.087   22.379  1.00 0.00 ? 14 U A "O5'"  1 
ATOM 425 C "C5'"  . U A 1 14 ? -7.455  0.641   21.565  1.00 0.00 ? 14 U A "C5'"  1 
ATOM 426 C "C4'"  . U A 1 14 ? -8.193  1.767   22.281  1.00 0.00 ? 14 U A "C4'"  1 
ATOM 427 O "O4'"  . U A 1 14 ? -7.255  2.801   22.615  1.00 0.00 ? 14 U A "O4'"  1 
ATOM 428 C "C3'"  . U A 1 14 ? -9.267  2.454   21.442  1.00 0.00 ? 14 U A "C3'"  1 
ATOM 429 O "O3'"  . U A 1 14 ? -10.285 2.893   22.343  1.00 0.00 ? 14 U A "O3'"  1 
ATOM 430 C "C2'"  . U A 1 14 ? -8.580  3.700   20.908  1.00 0.00 ? 14 U A "C2'"  1 
ATOM 431 O "O2'"  . U A 1 14 ? -9.533  4.742   20.680  1.00 0.00 ? 14 U A "O2'"  1 
ATOM 432 C "C1'"  . U A 1 14 ? -7.657  4.058   22.062  1.00 0.00 ? 14 U A "C1'"  1 
ATOM 433 N N1     . U A 1 14 ? -6.446  4.786   21.611  1.00 0.00 ? 14 U A N1     1 
ATOM 434 C C2     . U A 1 14 ? -6.412  6.164   21.768  1.00 0.00 ? 14 U A C2     1 
ATOM 435 O O2     . U A 1 14 ? -7.336  6.793   22.278  1.00 0.00 ? 14 U A O2     1 
ATOM 436 N N3     . U A 1 14 ? -5.268  6.797   21.321  1.00 0.00 ? 14 U A N3     1 
ATOM 437 C C4     . U A 1 14 ? -4.173  6.186   20.740  1.00 0.00 ? 14 U A C4     1 
ATOM 438 O O4     . U A 1 14 ? -3.212  6.861   20.378  1.00 0.00 ? 14 U A O4     1 
ATOM 439 C C5     . U A 1 14 ? -4.282  4.751   20.611  1.00 0.00 ? 14 U A C5     1 
ATOM 440 C C6     . U A 1 14 ? -5.397  4.109   21.044  1.00 0.00 ? 14 U A C6     1 
ATOM 441 H "H5'"  . U A 1 14 ? -8.167  -0.146  21.314  1.00 0.00 ? 14 U A "H5'"  1 
ATOM 442 H "H5''" . U A 1 14 ? -7.016  1.030   20.647  1.00 0.00 ? 14 U A "H5''" 1 
ATOM 443 H "H4'"  . U A 1 14 ? -8.624  1.373   23.201  1.00 0.00 ? 14 U A "H4'"  1 
ATOM 444 H "H3'"  . U A 1 14 ? -9.672  1.816   20.658  1.00 0.00 ? 14 U A "H3'"  1 
ATOM 445 H "H2'"  . U A 1 14 ? -8.010  3.479   20.004  1.00 0.00 ? 14 U A "H2'"  1 
ATOM 446 H "HO2'" . U A 1 14 ? -9.795  4.693   19.757  1.00 0.00 ? 14 U A "HO2'" 1 
ATOM 447 H "H1'"  . U A 1 14 ? -8.188  4.635   22.826  1.00 0.00 ? 14 U A "H1'"  1 
ATOM 448 H H3     . U A 1 14 ? -5.227  7.800   21.431  1.00 0.00 ? 14 U A H3     1 
ATOM 449 H H5     . U A 1 14 ? -3.467  4.182   20.163  1.00 0.00 ? 14 U A H5     1 
ATOM 450 H H6     . U A 1 14 ? -5.459  3.025   20.938  1.00 0.00 ? 14 U A H6     1 
ATOM 451 P P      . C A 1 15 ? -11.769 3.203   21.804  1.00 0.00 ? 15 C A P      1 
ATOM 452 O OP1    . C A 1 15 ? -12.133 4.576   22.221  1.00 0.00 ? 15 C A OP1    1 
ATOM 453 O OP2    . C A 1 15 ? -12.641 2.064   22.170  1.00 0.00 ? 15 C A OP2    1 
ATOM 454 O "O5'"  . C A 1 15 ? -11.573 3.195   20.205  1.00 0.00 ? 15 C A "O5'"  1 
ATOM 455 C "C5'"  . C A 1 15 ? -12.143 2.153   19.408  1.00 0.00 ? 15 C A "C5'"  1 
ATOM 456 C "C4'"  . C A 1 15 ? -11.831 2.344   17.924  1.00 0.00 ? 15 C A "C4'"  1 
ATOM 457 O "O4'"  . C A 1 15 ? -10.564 1.731   17.631  1.00 0.00 ? 15 C A "O4'"  1 
ATOM 458 C "C3'"  . C A 1 15 ? -12.818 1.676   16.968  1.00 0.00 ? 15 C A "C3'"  1 
ATOM 459 O "O3'"  . C A 1 15 ? -12.770 2.405   15.737  1.00 0.00 ? 15 C A "O3'"  1 
ATOM 460 C "C2'"  . C A 1 15 ? -12.192 0.319   16.702  1.00 0.00 ? 15 C A "C2'"  1 
ATOM 461 O "O2'"  . C A 1 15 ? -12.618 -0.199  15.440  1.00 0.00 ? 15 C A "O2'"  1 
ATOM 462 C "C1'"  . C A 1 15 ? -10.714 0.681   16.663  1.00 0.00 ? 15 C A "C1'"  1 
ATOM 463 N N1     . C A 1 15 ? -9.843  -0.454  17.030  1.00 0.00 ? 15 C A N1     1 
ATOM 464 C C2     . C A 1 15 ? -9.781  -1.524  16.151  1.00 0.00 ? 15 C A C2     1 
ATOM 465 O O2     . C A 1 15 ? -10.440 -1.511  15.114  1.00 0.00 ? 15 C A O2     1 
ATOM 466 N N3     . C A 1 15 ? -8.980  -2.581  16.462  1.00 0.00 ? 15 C A N3     1 
ATOM 467 C C4     . C A 1 15 ? -8.266  -2.587  17.596  1.00 0.00 ? 15 C A C4     1 
ATOM 468 N N4     . C A 1 15 ? -7.503  -3.650  17.846  1.00 0.00 ? 15 C A N4     1 
ATOM 469 C C5     . C A 1 15 ? -8.325  -1.486  18.508  1.00 0.00 ? 15 C A C5     1 
ATOM 470 C C6     . C A 1 15 ? -9.121  -0.448  18.187  1.00 0.00 ? 15 C A C6     1 
ATOM 471 H "H5'"  . C A 1 15 ? -13.225 2.151   19.549  1.00 0.00 ? 15 C A "H5'"  1 
ATOM 472 H "H5''" . C A 1 15 ? -11.741 1.194   19.735  1.00 0.00 ? 15 C A "H5''" 1 
ATOM 473 H "H4'"  . C A 1 15 ? -11.762 3.411   17.715  1.00 0.00 ? 15 C A "H4'"  1 
ATOM 474 H "H3'"  . C A 1 15 ? -13.831 1.614   17.364  1.00 0.00 ? 15 C A "H3'"  1 
ATOM 475 H "H2'"  . C A 1 15 ? -12.405 -0.379  17.511  1.00 0.00 ? 15 C A "H2'"  1 
ATOM 476 H "HO2'" . C A 1 15 ? -11.834 -0.501  14.974  1.00 0.00 ? 15 C A "HO2'" 1 
ATOM 477 H "H1'"  . C A 1 15 ? -10.429 1.052   15.680  1.00 0.00 ? 15 C A "H1'"  1 
ATOM 478 H H41    . C A 1 15 ? -7.457  -4.406  17.179  1.00 0.00 ? 15 C A H41    1 
ATOM 479 H H42    . C A 1 15 ? -6.970  -3.698  18.703  1.00 0.00 ? 15 C A H42    1 
ATOM 480 H H5     . C A 1 15 ? -7.746  -1.477  19.431  1.00 0.00 ? 15 C A H5     1 
ATOM 481 H H6     . C A 1 15 ? -9.190  0.405   18.860  1.00 0.00 ? 15 C A H6     1 
ATOM 482 P P      . G A 1 16 ? -13.883 2.164   14.597  1.00 0.00 ? 16 G A P      1 
ATOM 483 O OP1    . G A 1 16 ? -14.407 3.483   14.173  1.00 0.00 ? 16 G A OP1    1 
ATOM 484 O OP2    . G A 1 16 ? -14.816 1.119   15.076  1.00 0.00 ? 16 G A OP2    1 
ATOM 485 O "O5'"  . G A 1 16 ? -13.021 1.550   13.379  1.00 0.00 ? 16 G A "O5'"  1 
ATOM 486 C "C5'"  . G A 1 16 ? -11.815 2.183   12.930  1.00 0.00 ? 16 G A "C5'"  1 
ATOM 487 C "C4'"  . G A 1 16 ? -11.924 3.705   12.966  1.00 0.00 ? 16 G A "C4'"  1 
ATOM 488 O "O4'"  . G A 1 16 ? -11.628 4.167   14.290  1.00 0.00 ? 16 G A "O4'"  1 
ATOM 489 C "C3'"  . G A 1 16 ? -10.924 4.442   12.091  1.00 0.00 ? 16 G A "C3'"  1 
ATOM 490 O "O3'"  . G A 1 16 ? -11.543 4.655   10.816  1.00 0.00 ? 16 G A "O3'"  1 
ATOM 491 C "C2'"  . G A 1 16 ? -10.818 5.795   12.772  1.00 0.00 ? 16 G A "C2'"  1 
ATOM 492 O "O2'"  . G A 1 16 ? -11.915 6.634   12.400  1.00 0.00 ? 16 G A "O2'"  1 
ATOM 493 C "C1'"  . G A 1 16 ? -10.913 5.413   14.249  1.00 0.00 ? 16 G A "C1'"  1 
ATOM 494 N N9     . G A 1 16 ? -9.583  5.223   14.863  1.00 0.00 ? 16 G A N9     1 
ATOM 495 C C8     . G A 1 16 ? -8.824  6.131   15.554  1.00 0.00 ? 16 G A C8     1 
ATOM 496 N N7     . G A 1 16 ? -7.683  5.657   15.967  1.00 0.00 ? 16 G A N7     1 
ATOM 497 C C5     . G A 1 16 ? -7.683  4.341   15.517  1.00 0.00 ? 16 G A C5     1 
ATOM 498 C C6     . G A 1 16 ? -6.697  3.328   15.667  1.00 0.00 ? 16 G A C6     1 
ATOM 499 O O6     . G A 1 16 ? -5.609  3.400   16.235  1.00 0.00 ? 16 G A O6     1 
ATOM 500 N N1     . G A 1 16 ? -7.088  2.142   15.066  1.00 0.00 ? 16 G A N1     1 
ATOM 501 C C2     . G A 1 16 ? -8.279  1.950   14.401  1.00 0.00 ? 16 G A C2     1 
ATOM 502 N N2     . G A 1 16 ? -8.490  0.743   13.877  1.00 0.00 ? 16 G A N2     1 
ATOM 503 N N3     . G A 1 16 ? -9.212  2.895   14.255  1.00 0.00 ? 16 G A N3     1 
ATOM 504 C C4     . G A 1 16 ? -8.846  4.063   14.838  1.00 0.00 ? 16 G A C4     1 
ATOM 505 H "H5'"  . G A 1 16 ? -11.609 1.867   11.908  1.00 0.00 ? 16 G A "H5'"  1 
ATOM 506 H "H5''" . G A 1 16 ? -10.991 1.872   13.571  1.00 0.00 ? 16 G A "H5''" 1 
ATOM 507 H "H4'"  . G A 1 16 ? -12.943 3.992   12.708  1.00 0.00 ? 16 G A "H4'"  1 
ATOM 508 H "H3'"  . G A 1 16 ? -9.968  3.927   11.996  1.00 0.00 ? 16 G A "H3'"  1 
ATOM 509 H "H2'"  . G A 1 16 ? -9.864  6.272   12.551  1.00 0.00 ? 16 G A "H2'"  1 
ATOM 510 H "HO2'" . G A 1 16 ? -12.214 7.082   13.194  1.00 0.00 ? 16 G A "HO2'" 1 
ATOM 511 H "H1'"  . G A 1 16 ? -11.465 6.166   14.813  1.00 0.00 ? 16 G A "H1'"  1 
ATOM 512 H H8     . G A 1 16 ? -9.146  7.155   15.742  1.00 0.00 ? 16 G A H8     1 
ATOM 513 H H1     . G A 1 16 ? -6.449  1.362   15.128  1.00 0.00 ? 16 G A H1     1 
ATOM 514 H H21    . G A 1 16 ? -7.766  0.039   13.921  1.00 0.00 ? 16 G A H21    1 
ATOM 515 H H22    . G A 1 16 ? -9.373  0.533   13.435  1.00 0.00 ? 16 G A H22    1 
ATOM 516 P P      . G A 1 17 ? -10.717 5.335   9.608   1.00 0.00 ? 17 G A P      1 
ATOM 517 O OP1    . G A 1 17 ? -11.684 5.968   8.684   1.00 0.00 ? 17 G A OP1    1 
ATOM 518 O OP2    . G A 1 17 ? -9.745  4.343   9.094   1.00 0.00 ? 17 G A OP2    1 
ATOM 519 O "O5'"  . G A 1 17 ? -9.900  6.502   10.361  1.00 0.00 ? 17 G A "O5'"  1 
ATOM 520 C "C5'"  . G A 1 17 ? -9.141  7.477   9.635   1.00 0.00 ? 17 G A "C5'"  1 
ATOM 521 C "C4'"  . G A 1 17 ? -7.632  7.299   9.864   1.00 0.00 ? 17 G A "C4'"  1 
ATOM 522 O "O4'"  . G A 1 17 ? -7.425  6.523   11.049  1.00 0.00 ? 17 G A "O4'"  1 
ATOM 523 C "C3'"  . G A 1 17 ? -6.897  6.507   8.798   1.00 0.00 ? 17 G A "C3'"  1 
ATOM 524 O "O3'"  . G A 1 17 ? -6.447  7.438   7.811   1.00 0.00 ? 17 G A "O3'"  1 
ATOM 525 C "C2'"  . G A 1 17 ? -5.667  6.014   9.541   1.00 0.00 ? 17 G A "C2'"  1 
ATOM 526 O "O2'"  . G A 1 17 ? -4.668  7.036   9.597   1.00 0.00 ? 17 G A "O2'"  1 
ATOM 527 C "C1'"  . G A 1 17 ? -6.226  5.735   10.935  1.00 0.00 ? 17 G A "C1'"  1 
ATOM 528 N N9     . G A 1 17 ? -6.565  4.309   11.107  1.00 0.00 ? 17 G A N9     1 
ATOM 529 C C8     . G A 1 17 ? -7.569  3.591   10.510  1.00 0.00 ? 17 G A C8     1 
ATOM 530 N N7     . G A 1 17 ? -7.584  2.331   10.846  1.00 0.00 ? 17 G A N7     1 
ATOM 531 C C5     . G A 1 17 ? -6.514  2.205   11.726  1.00 0.00 ? 17 G A C5     1 
ATOM 532 C C6     . G A 1 17 ? -6.034  1.060   12.419  1.00 0.00 ? 17 G A C6     1 
ATOM 533 O O6     . G A 1 17 ? -6.468  -0.090  12.388  1.00 0.00 ? 17 G A O6     1 
ATOM 534 N N1     . G A 1 17 ? -4.933  1.365   13.205  1.00 0.00 ? 17 G A N1     1 
ATOM 535 C C2     . G A 1 17 ? -4.361  2.612   13.315  1.00 0.00 ? 17 G A C2     1 
ATOM 536 N N2     . G A 1 17 ? -3.306  2.725   14.122  1.00 0.00 ? 17 G A N2     1 
ATOM 537 N N3     . G A 1 17 ? -4.804  3.694   12.668  1.00 0.00 ? 17 G A N3     1 
ATOM 538 C C4     . G A 1 17 ? -5.882  3.414   11.894  1.00 0.00 ? 17 G A C4     1 
ATOM 539 H "H5'"  . G A 1 17 ? -9.442  8.472   9.967   1.00 0.00 ? 17 G A "H5'"  1 
ATOM 540 H "H5''" . G A 1 17 ? -9.357  7.381   8.569   1.00 0.00 ? 17 G A "H5''" 1 
ATOM 541 H "H4'"  . G A 1 17 ? -7.169  8.278   9.996   1.00 0.00 ? 17 G A "H4'"  1 
ATOM 542 H "H3'"  . G A 1 17 ? -7.492  5.705   8.362   1.00 0.00 ? 17 G A "H3'"  1 
ATOM 543 H "H2'"  . G A 1 17 ? -5.277  5.104   9.089   1.00 0.00 ? 17 G A "H2'"  1 
ATOM 544 H "HO2'" . G A 1 17 ? -3.949  6.702   10.139  1.00 0.00 ? 17 G A "HO2'" 1 
ATOM 545 H "H1'"  . G A 1 17 ? -5.519  6.034   11.708  1.00 0.00 ? 17 G A "H1'"  1 
ATOM 546 H H8     . G A 1 17 ? -8.282  4.031   9.813   1.00 0.00 ? 17 G A H8     1 
ATOM 547 H H1     . G A 1 17 ? -4.522  0.608   13.734  1.00 0.00 ? 17 G A H1     1 
ATOM 548 H H21    . G A 1 17 ? -3.000  1.932   14.667  1.00 0.00 ? 17 G A H21    1 
ATOM 549 H H22    . G A 1 17 ? -2.813  3.605   14.190  1.00 0.00 ? 17 G A H22    1 
ATOM 550 P P      . A A 1 18 ? -5.738  6.918   6.462   1.00 0.00 ? 18 A A P      1 
ATOM 551 O OP1    . A A 1 18 ? -5.589  8.071   5.544   1.00 0.00 ? 18 A A OP1    1 
ATOM 552 O OP2    . A A 1 18 ? -6.444  5.700   6.007   1.00 0.00 ? 18 A A OP2    1 
ATOM 553 O "O5'"  . A A 1 18 ? -4.272  6.491   6.975   1.00 0.00 ? 18 A A "O5'"  1 
ATOM 554 C "C5'"  . A A 1 18 ? -3.331  7.482   7.392   1.00 0.00 ? 18 A A "C5'"  1 
ATOM 555 C "C4'"  . A A 1 18 ? -1.977  6.868   7.738   1.00 0.00 ? 18 A A "C4'"  1 
ATOM 556 O "O4'"  . A A 1 18 ? -2.121  6.014   8.880   1.00 0.00 ? 18 A A "O4'"  1 
ATOM 557 C "C3'"  . A A 1 18 ? -1.393  5.961   6.670   1.00 0.00 ? 18 A A "C3'"  1 
ATOM 558 O "O3'"  . A A 1 18 ? -0.548  6.767   5.844   1.00 0.00 ? 18 A A "O3'"  1 
ATOM 559 C "C2'"  . A A 1 18 ? -0.489  5.036   7.469   1.00 0.00 ? 18 A A "C2'"  1 
ATOM 560 O "O2'"  . A A 1 18 ? 0.759   5.674   7.752   1.00 0.00 ? 18 A A "O2'"  1 
ATOM 561 C "C1'"  . A A 1 18 ? -1.297  4.841   8.750   1.00 0.00 ? 18 A A "C1'"  1 
ATOM 562 N N9     . A A 1 18 ? -2.171  3.653   8.686   1.00 0.00 ? 18 A A N9     1 
ATOM 563 C C8     . A A 1 18 ? -3.373  3.508   8.038   1.00 0.00 ? 18 A A C8     1 
ATOM 564 N N7     . A A 1 18 ? -3.904  2.326   8.183   1.00 0.00 ? 18 A A N7     1 
ATOM 565 C C5     . A A 1 18 ? -2.992  1.645   8.979   1.00 0.00 ? 18 A A C5     1 
ATOM 566 C C6     . A A 1 18 ? -2.971  0.340   9.495   1.00 0.00 ? 18 A A C6     1 
ATOM 567 N N6     . A A 1 18 ? -3.935  -0.553  9.275   1.00 0.00 ? 18 A A N6     1 
ATOM 568 N N1     . A A 1 18 ? -1.919  -0.020  10.247  1.00 0.00 ? 18 A A N1     1 
ATOM 569 C C2     . A A 1 18 ? -0.954  0.864   10.471  1.00 0.00 ? 18 A A C2     1 
ATOM 570 N N3     . A A 1 18 ? -0.855  2.116   10.046  1.00 0.00 ? 18 A A N3     1 
ATOM 571 C C4     . A A 1 18 ? -1.929  2.443   9.293   1.00 0.00 ? 18 A A C4     1 
ATOM 572 H "H5'"  . A A 1 18 ? -3.723  7.996   8.270   1.00 0.00 ? 18 A A "H5'"  1 
ATOM 573 H "H5''" . A A 1 18 ? -3.198  8.205   6.587   1.00 0.00 ? 18 A A "H5''" 1 
ATOM 574 H "H4'"  . A A 1 18 ? -1.279  7.669   7.982   1.00 0.00 ? 18 A A "H4'"  1 
ATOM 575 H "H3'"  . A A 1 18 ? -2.149  5.433   6.088   1.00 0.00 ? 18 A A "H3'"  1 
ATOM 576 H "H2'"  . A A 1 18 ? -0.341  4.089   6.952   1.00 0.00 ? 18 A A "H2'"  1 
ATOM 577 H "HO2'" . A A 1 18 ? 0.695   6.046   8.635   1.00 0.00 ? 18 A A "HO2'" 1 
ATOM 578 H "H1'"  . A A 1 18 ? -0.642  4.762   9.617   1.00 0.00 ? 18 A A "H1'"  1 
ATOM 579 H H8     . A A 1 18 ? -3.836  4.302   7.454   1.00 0.00 ? 18 A A H8     1 
ATOM 580 H H61    . A A 1 18 ? -3.907  -1.450  9.737   1.00 0.00 ? 18 A A H61    1 
ATOM 581 H H62    . A A 1 18 ? -4.698  -0.330  8.652   1.00 0.00 ? 18 A A H62    1 
ATOM 582 H H2     . A A 1 18 ? -0.125  0.507   11.084  1.00 0.00 ? 18 A A H2     1 
ATOM 583 P P      . C A 1 19 ? -0.204  6.313   4.339   1.00 0.00 ? 19 C A P      1 
ATOM 584 O OP1    . C A 1 19 ? 0.740   7.296   3.763   1.00 0.00 ? 19 C A OP1    1 
ATOM 585 O OP2    . C A 1 19 ? -1.475  6.015   3.641   1.00 0.00 ? 19 C A OP2    1 
ATOM 586 O "O5'"  . C A 1 19 ? 0.586   4.928   4.562   1.00 0.00 ? 19 C A "O5'"  1 
ATOM 587 C "C5'"  . C A 1 19 ? 1.900   4.926   5.124   1.00 0.00 ? 19 C A "C5'"  1 
ATOM 588 C "C4'"  . C A 1 19 ? 2.254   3.571   5.728   1.00 0.00 ? 19 C A "C4'"  1 
ATOM 589 O "O4'"  . C A 1 19 ? 1.125   3.055   6.433   1.00 0.00 ? 19 C A "O4'"  1 
ATOM 590 C "C3'"  . C A 1 19 ? 2.570   2.485   4.721   1.00 0.00 ? 19 C A "C3'"  1 
ATOM 591 O "O3'"  . C A 1 19 ? 3.977   2.533   4.474   1.00 0.00 ? 19 C A "O3'"  1 
ATOM 592 C "C2'"  . C A 1 19 ? 2.293   1.207   5.499   1.00 0.00 ? 19 C A "C2'"  1 
ATOM 593 O "O2'"  . C A 1 19 ? 3.435   0.838   6.278   1.00 0.00 ? 19 C A "O2'"  1 
ATOM 594 C "C1'"  . C A 1 19 ? 1.132   1.616   6.411   1.00 0.00 ? 19 C A "C1'"  1 
ATOM 595 N N1     . C A 1 19 ? -0.172  1.138   5.899   1.00 0.00 ? 19 C A N1     1 
ATOM 596 C C2     . C A 1 19 ? -0.541  -0.168  6.194   1.00 0.00 ? 19 C A C2     1 
ATOM 597 O O2     . C A 1 19 ? 0.200   -0.882  6.865   1.00 0.00 ? 19 C A O2     1 
ATOM 598 N N3     . C A 1 19 ? -1.732  -0.633  5.727   1.00 0.00 ? 19 C A N3     1 
ATOM 599 C C4     . C A 1 19 ? -2.533  0.153   4.996   1.00 0.00 ? 19 C A C4     1 
ATOM 600 N N4     . C A 1 19 ? -3.685  -0.361  4.565   1.00 0.00 ? 19 C A N4     1 
ATOM 601 C C5     . C A 1 19 ? -2.162  1.500   4.689   1.00 0.00 ? 19 C A C5     1 
ATOM 602 C C6     . C A 1 19 ? -0.980  1.949   5.155   1.00 0.00 ? 19 C A C6     1 
ATOM 603 H "H5'"  . C A 1 19 ? 1.953   5.688   5.903   1.00 0.00 ? 19 C A "H5'"  1 
ATOM 604 H "H5''" . C A 1 19 ? 2.621   5.167   4.343   1.00 0.00 ? 19 C A "H5''" 1 
ATOM 605 H "H4'"  . C A 1 19 ? 3.080   3.700   6.427   1.00 0.00 ? 19 C A "H4'"  1 
ATOM 606 H "H3'"  . C A 1 19 ? 1.992   2.566   3.800   1.00 0.00 ? 19 C A "H3'"  1 
ATOM 607 H "H2'"  . C A 1 19 ? 1.996   0.401   4.830   1.00 0.00 ? 19 C A "H2'"  1 
ATOM 608 H "HO2'" . C A 1 19 ? 3.243   -0.013  6.680   1.00 0.00 ? 19 C A "HO2'" 1 
ATOM 609 H "H1'"  . C A 1 19 ? 1.286   1.244   7.425   1.00 0.00 ? 19 C A "H1'"  1 
ATOM 610 H H41    . C A 1 19 ? -3.896  -1.336  4.726   1.00 0.00 ? 19 C A H41    1 
ATOM 611 H H42    . C A 1 19 ? -4.348  0.224   4.075   1.00 0.00 ? 19 C A H42    1 
ATOM 612 H H5     . C A 1 19 ? -2.806  2.149   4.095   1.00 0.00 ? 19 C A H5     1 
ATOM 613 H H6     . C A 1 19 ? -0.667  2.969   4.935   1.00 0.00 ? 19 C A H6     1 
ATOM 614 P P      . C A 1 20 ? 4.556   2.243   3.000   1.00 0.00 ? 20 C A P      1 
ATOM 615 O OP1    . C A 1 20 ? 5.808   3.015   2.833   1.00 0.00 ? 20 C A OP1    1 
ATOM 616 O OP2    . C A 1 20 ? 3.452   2.409   2.027   1.00 0.00 ? 20 C A OP2    1 
ATOM 617 O "O5'"  . C A 1 20 ? 4.933   0.679   3.072   1.00 0.00 ? 20 C A "O5'"  1 
ATOM 618 C "C5'"  . C A 1 20 ? 6.140   0.255   3.710   1.00 0.00 ? 20 C A "C5'"  1 
ATOM 619 C "C4'"  . C A 1 20 ? 6.191   -1.262  3.868   1.00 0.00 ? 20 C A "C4'"  1 
ATOM 620 O "O4'"  . C A 1 20 ? 5.029   -1.703  4.581   1.00 0.00 ? 20 C A "O4'"  1 
ATOM 621 C "C3'"  . C A 1 20 ? 6.142   -2.042  2.567   1.00 0.00 ? 20 C A "C3'"  1 
ATOM 622 O "O3'"  . C A 1 20 ? 7.493   -2.279  2.163   1.00 0.00 ? 20 C A "O3'"  1 
ATOM 623 C "C2'"  . C A 1 20 ? 5.561   -3.377  2.995   1.00 0.00 ? 20 C A "C2'"  1 
ATOM 624 O "O2'"  . C A 1 20 ? 6.572   -4.202  3.582   1.00 0.00 ? 20 C A "O2'"  1 
ATOM 625 C "C1'"  . C A 1 20 ? 4.541   -2.947  4.047   1.00 0.00 ? 20 C A "C1'"  1 
ATOM 626 N N1     . C A 1 20 ? 3.200   -2.722  3.465   1.00 0.00 ? 20 C A N1     1 
ATOM 627 C C2     . C A 1 20 ? 2.385   -3.830  3.271   1.00 0.00 ? 20 C A C2     1 
ATOM 628 O O2     . C A 1 20 ? 2.783   -4.950  3.580   1.00 0.00 ? 20 C A O2     1 
ATOM 629 N N3     . C A 1 20 ? 1.146   -3.645  2.734   1.00 0.00 ? 20 C A N3     1 
ATOM 630 C C4     . C A 1 20 ? 0.723   -2.419  2.400   1.00 0.00 ? 20 C A C4     1 
ATOM 631 N N4     . C A 1 20 ? -0.498  -2.301  1.880   1.00 0.00 ? 20 C A N4     1 
ATOM 632 C C5     . C A 1 20 ? 1.557   -1.273  2.597   1.00 0.00 ? 20 C A C5     1 
ATOM 633 C C6     . C A 1 20 ? 2.778   -1.469  3.128   1.00 0.00 ? 20 C A C6     1 
ATOM 634 H "H5'"  . C A 1 20 ? 6.203   0.717   4.695   1.00 0.00 ? 20 C A "H5'"  1 
ATOM 635 H "H5''" . C A 1 20 ? 6.992   0.578   3.111   1.00 0.00 ? 20 C A "H5''" 1 
ATOM 636 H "H4'"  . C A 1 20 ? 7.079   -1.527  4.440   1.00 0.00 ? 20 C A "H4'"  1 
ATOM 637 H "H3'"  . C A 1 20 ? 5.565   -1.548  1.786   1.00 0.00 ? 20 C A "H3'"  1 
ATOM 638 H "H2'"  . C A 1 20 ? 5.074   -3.881  2.161   1.00 0.00 ? 20 C A "H2'"  1 
ATOM 639 H "HO2'" . C A 1 20 ? 7.051   -3.660  4.212   1.00 0.00 ? 20 C A "HO2'" 1 
ATOM 640 H "H1'"  . C A 1 20 ? 4.475   -3.683  4.849   1.00 0.00 ? 20 C A "H1'"  1 
ATOM 641 H H41    . C A 1 20 ? -1.059  -3.125  1.718   1.00 0.00 ? 20 C A H41    1 
ATOM 642 H H42    . C A 1 20 ? -0.863  -1.388  1.649   1.00 0.00 ? 20 C A H42    1 
ATOM 643 H H5     . C A 1 20 ? 1.222   -0.270  2.330   1.00 0.00 ? 20 C A H5     1 
ATOM 644 H H6     . C A 1 20 ? 3.439   -0.617  3.291   1.00 0.00 ? 20 C A H6     1 
ATOM 645 P P      . G A 1 21 ? 7.884   -2.311  0.602   1.00 0.00 ? 21 G A P      1 
ATOM 646 O OP1    . G A 1 21 ? 9.359   -2.270  0.491   1.00 0.00 ? 21 G A OP1    1 
ATOM 647 O OP2    . G A 1 21 ? 7.063   -1.299  -0.101  1.00 0.00 ? 21 G A OP2    1 
ATOM 648 O "O5'"  . G A 1 21 ? 7.383   -3.771  0.143   1.00 0.00 ? 21 G A "O5'"  1 
ATOM 649 C "C5'"  . G A 1 21 ? 7.950   -4.948  0.726   1.00 0.00 ? 21 G A "C5'"  1 
ATOM 650 C "C4'"  . G A 1 21 ? 7.219   -6.208  0.273   1.00 0.00 ? 21 G A "C4'"  1 
ATOM 651 O "O4'"  . G A 1 21 ? 5.935   -6.263  0.899   1.00 0.00 ? 21 G A "O4'"  1 
ATOM 652 C "C3'"  . G A 1 21 ? 6.899   -6.265  -1.208  1.00 0.00 ? 21 G A "C3'"  1 
ATOM 653 O "O3'"  . G A 1 21 ? 7.996   -6.915  -1.855  1.00 0.00 ? 21 G A "O3'"  1 
ATOM 654 C "C2'"  . G A 1 21 ? 5.717   -7.219  -1.263  1.00 0.00 ? 21 G A "C2'"  1 
ATOM 655 O "O2'"  . G A 1 21 ? 6.168   -8.577  -1.249  1.00 0.00 ? 21 G A "O2'"  1 
ATOM 656 C "C1'"  . G A 1 21 ? 4.973   -6.889  0.031   1.00 0.00 ? 21 G A "C1'"  1 
ATOM 657 N N9     . G A 1 21 ? 3.854   -5.952  -0.194  1.00 0.00 ? 21 G A N9     1 
ATOM 658 C C8     . G A 1 21 ? 3.884   -4.582  -0.263  1.00 0.00 ? 21 G A C8     1 
ATOM 659 N N7     . G A 1 21 ? 2.718   -4.042  -0.477  1.00 0.00 ? 21 G A N7     1 
ATOM 660 C C5     . G A 1 21 ? 1.853   -5.128  -0.557  1.00 0.00 ? 21 G A C5     1 
ATOM 661 C C6     . G A 1 21 ? 0.449   -5.161  -0.779  1.00 0.00 ? 21 G A C6     1 
ATOM 662 O O6     . G A 1 21 ? -0.317  -4.215  -0.953  1.00 0.00 ? 21 G A O6     1 
ATOM 663 N N1     . G A 1 21 ? -0.036  -6.459  -0.788  1.00 0.00 ? 21 G A N1     1 
ATOM 664 C C2     . G A 1 21 ? 0.727   -7.589  -0.606  1.00 0.00 ? 21 G A C2     1 
ATOM 665 N N2     . G A 1 21 ? 0.092   -8.760  -0.651  1.00 0.00 ? 21 G A N2     1 
ATOM 666 N N3     . G A 1 21 ? 2.047   -7.571  -0.396  1.00 0.00 ? 21 G A N3     1 
ATOM 667 C C4     . G A 1 21 ? 2.540   -6.306  -0.385  1.00 0.00 ? 21 G A C4     1 
ATOM 668 H "H5'"  . G A 1 21 ? 7.888   -4.871  1.812   1.00 0.00 ? 21 G A "H5'"  1 
ATOM 669 H "H5''" . G A 1 21 ? 8.997   -5.019  0.433   1.00 0.00 ? 21 G A "H5''" 1 
ATOM 670 H "H4'"  . G A 1 21 ? 7.798   -7.080  0.574   1.00 0.00 ? 21 G A "H4'"  1 
ATOM 671 H "H3'"  . G A 1 21 ? 6.689   -5.288  -1.645  1.00 0.00 ? 21 G A "H3'"  1 
ATOM 672 H "H2'"  . G A 1 21 ? 5.094   -7.021  -2.132  1.00 0.00 ? 21 G A "H2'"  1 
ATOM 673 H "HO2'" . G A 1 21 ? 6.206   -8.855  -0.331  1.00 0.00 ? 21 G A "HO2'" 1 
ATOM 674 H "H1'"  . G A 1 21 ? 4.595   -7.794  0.504   1.00 0.00 ? 21 G A "H1'"  1 
ATOM 675 H H8     . G A 1 21 ? 4.799   -4.000  -0.152  1.00 0.00 ? 21 G A H8     1 
ATOM 676 H H1     . G A 1 21 ? -1.028  -6.577  -0.939  1.00 0.00 ? 21 G A H1     1 
ATOM 677 H H21    . G A 1 21 ? -0.910  -8.788  -0.781  1.00 0.00 ? 21 G A H21    1 
ATOM 678 H H22    . G A 1 21 ? 0.613   -9.621  -0.555  1.00 0.00 ? 21 G A H22    1 
ATOM 679 P P      . G A 1 22 ? 8.168   -6.828  -3.455  1.00 0.00 ? 22 G A P      1 
ATOM 680 O OP1    . G A 1 22 ? 9.398   -7.564  -3.829  1.00 0.00 ? 22 G A OP1    1 
ATOM 681 O OP2    . G A 1 22 ? 8.001   -5.415  -3.863  1.00 0.00 ? 22 G A OP2    1 
ATOM 682 O "O5'"  . G A 1 22 ? 6.899   -7.661  -3.991  1.00 0.00 ? 22 G A "O5'"  1 
ATOM 683 C "C5'"  . G A 1 22 ? 6.814   -9.072  -3.772  1.00 0.00 ? 22 G A "C5'"  1 
ATOM 684 C "C4'"  . G A 1 22 ? 5.734   -9.712  -4.638  1.00 0.00 ? 22 G A "C4'"  1 
ATOM 685 O "O4'"  . G A 1 22 ? 4.446   -9.424  -4.082  1.00 0.00 ? 22 G A "O4'"  1 
ATOM 686 C "C3'"  . G A 1 22 ? 5.646   -9.178  -6.054  1.00 0.00 ? 22 G A "C3'"  1 
ATOM 687 O "O3'"  . G A 1 22 ? 6.490   -9.995  -6.872  1.00 0.00 ? 22 G A "O3'"  1 
ATOM 688 C "C2'"  . G A 1 22 ? 4.210   -9.488  -6.440  1.00 0.00 ? 22 G A "C2'"  1 
ATOM 689 O "O2'"  . G A 1 22 ? 4.078   -10.855 -6.836  1.00 0.00 ? 22 G A "O2'"  1 
ATOM 690 C "C1'"  . G A 1 22 ? 3.473   -9.234  -5.125  1.00 0.00 ? 22 G A "C1'"  1 
ATOM 691 N N9     . G A 1 22 ? 2.946   -7.859  -5.037  1.00 0.00 ? 22 G A N9     1 
ATOM 692 C C8     . G A 1 22 ? 3.602   -6.709  -4.677  1.00 0.00 ? 22 G A C8     1 
ATOM 693 N N7     . G A 1 22 ? 2.851   -5.644  -4.710  1.00 0.00 ? 22 G A N7     1 
ATOM 694 C C5     . G A 1 22 ? 1.611   -6.120  -5.119  1.00 0.00 ? 22 G A C5     1 
ATOM 695 C C6     . G A 1 22 ? 0.392   -5.419  -5.334  1.00 0.00 ? 22 G A C6     1 
ATOM 696 O O6     . G A 1 22 ? 0.170   -4.218  -5.206  1.00 0.00 ? 22 G A O6     1 
ATOM 697 N N1     . G A 1 22 ? -0.621  -6.272  -5.741  1.00 0.00 ? 22 G A N1     1 
ATOM 698 C C2     . G A 1 22 ? -0.487  -7.631  -5.921  1.00 0.00 ? 22 G A C2     1 
ATOM 699 N N2     . G A 1 22 ? -1.572  -8.298  -6.314  1.00 0.00 ? 22 G A N2     1 
ATOM 700 N N3     . G A 1 22 ? 0.653   -8.298  -5.721  1.00 0.00 ? 22 G A N3     1 
ATOM 701 C C4     . G A 1 22 ? 1.656   -7.478  -5.322  1.00 0.00 ? 22 G A C4     1 
ATOM 702 H "H5'"  . G A 1 22 ? 6.583   -9.255  -2.723  1.00 0.00 ? 22 G A "H5'"  1 
ATOM 703 H "H5''" . G A 1 22 ? 7.775   -9.527  -4.008  1.00 0.00 ? 22 G A "H5''" 1 
ATOM 704 H "H4'"  . G A 1 22 ? 5.883   -10.793 -4.645  1.00 0.00 ? 22 G A "H4'"  1 
ATOM 705 H "H3'"  . G A 1 22 ? 5.899   -8.121  -6.136  1.00 0.00 ? 22 G A "H3'"  1 
ATOM 706 H "H2'"  . G A 1 22 ? 3.858   -8.815  -7.221  1.00 0.00 ? 22 G A "H2'"  1 
ATOM 707 H "HO2'" . G A 1 22 ? 3.838   -10.861 -7.766  1.00 0.00 ? 22 G A "HO2'" 1 
ATOM 708 H "H1'"  . G A 1 22 ? 2.656   -9.943  -4.993  1.00 0.00 ? 22 G A "H1'"  1 
ATOM 709 H H8     . G A 1 22 ? 4.653   -6.687  -4.392  1.00 0.00 ? 22 G A H8     1 
ATOM 710 H H1     . G A 1 22 ? -1.526  -5.859  -5.918  1.00 0.00 ? 22 G A H1     1 
ATOM 711 H H21    . G A 1 22 ? -2.453  -7.816  -6.418  1.00 0.00 ? 22 G A H21    1 
ATOM 712 H H22    . G A 1 22 ? -1.512  -9.288  -6.508  1.00 0.00 ? 22 G A H22    1 
ATOM 713 P P      . C A 1 23 ? 7.473   -9.324  -7.957  1.00 0.00 ? 23 C A P      1 
ATOM 714 O OP1    . C A 1 23 ? 8.190   -10.408 -8.663  1.00 0.00 ? 23 C A OP1    1 
ATOM 715 O OP2    . C A 1 23 ? 8.237   -8.248  -7.286  1.00 0.00 ? 23 C A OP2    1 
ATOM 716 O "O5'"  . C A 1 23 ? 6.444   -8.642  -8.992  1.00 0.00 ? 23 C A "O5'"  1 
ATOM 717 C "C5'"  . C A 1 23 ? 6.237   -9.214  -10.285 1.00 0.00 ? 23 C A "C5'"  1 
ATOM 718 C "C4'"  . C A 1 23 ? 4.929   -8.734  -10.912 1.00 0.00 ? 23 C A "C4'"  1 
ATOM 719 O "O4'"  . C A 1 23 ? 3.945   -8.561  -9.885  1.00 0.00 ? 23 C A "O4'"  1 
ATOM 720 C "C3'"  . C A 1 23 ? 5.000   -7.372  -11.578 1.00 0.00 ? 23 C A "C3'"  1 
ATOM 721 O "O3'"  . C A 1 23 ? 5.332   -7.589  -12.952 1.00 0.00 ? 23 C A "O3'"  1 
ATOM 722 C "C2'"  . C A 1 23 ? 3.556   -6.905  -11.533 1.00 0.00 ? 23 C A "C2'"  1 
ATOM 723 O "O2'"  . C A 1 23 ? 2.798   -7.510  -12.583 1.00 0.00 ? 23 C A "O2'"  1 
ATOM 724 C "C1'"  . C A 1 23 ? 3.102   -7.430  -10.173 1.00 0.00 ? 23 C A "C1'"  1 
ATOM 725 N N1     . C A 1 23 ? 3.267   -6.423  -9.100  1.00 0.00 ? 23 C A N1     1 
ATOM 726 C C2     . C A 1 23 ? 2.280   -5.457  -8.966  1.00 0.00 ? 23 C A C2     1 
ATOM 727 O O2     . C A 1 23 ? 1.311   -5.454  -9.723  1.00 0.00 ? 23 C A O2     1 
ATOM 728 N N3     . C A 1 23 ? 2.409   -4.522  -7.985  1.00 0.00 ? 23 C A N3     1 
ATOM 729 C C4     . C A 1 23 ? 3.469   -4.532  -7.165  1.00 0.00 ? 23 C A C4     1 
ATOM 730 N N4     . C A 1 23 ? 3.539   -3.591  -6.223  1.00 0.00 ? 23 C A N4     1 
ATOM 731 C C5     . C A 1 23 ? 4.491   -5.524  -7.298  1.00 0.00 ? 23 C A C5     1 
ATOM 732 C C6     . C A 1 23 ? 4.352   -6.444  -8.271  1.00 0.00 ? 23 C A C6     1 
ATOM 733 H "H5'"  . C A 1 23 ? 6.213   -10.300 -10.192 1.00 0.00 ? 23 C A "H5'"  1 
ATOM 734 H "H5''" . C A 1 23 ? 7.065   -8.932  -10.935 1.00 0.00 ? 23 C A "H5''" 1 
ATOM 735 H "H4'"  . C A 1 23 ? 4.575   -9.485  -11.618 1.00 0.00 ? 23 C A "H4'"  1 
ATOM 736 H "H3'"  . C A 1 23 ? 5.694   -6.687  -11.094 1.00 0.00 ? 23 C A "H3'"  1 
ATOM 737 H "H2'"  . C A 1 23 ? 3.490   -5.821  -11.572 1.00 0.00 ? 23 C A "H2'"  1 
ATOM 738 H "HO2'" . C A 1 23 ? 2.463   -6.802  -13.139 1.00 0.00 ? 23 C A "HO2'" 1 
ATOM 739 H "H1'"  . C A 1 23 ? 2.064   -7.756  -10.211 1.00 0.00 ? 23 C A "H1'"  1 
ATOM 740 H H41    . C A 1 23 ? 2.835   -2.868  -6.179  1.00 0.00 ? 23 C A H41    1 
ATOM 741 H H42    . C A 1 23 ? 4.295   -3.601  -5.554  1.00 0.00 ? 23 C A H42    1 
ATOM 742 H H5     . C A 1 23 ? 5.358   -5.543  -6.637  1.00 0.00 ? 23 C A H5     1 
ATOM 743 H H6     . C A 1 23 ? 5.112   -7.214  -8.397  1.00 0.00 ? 23 C A H6     1 
ATOM 744 P P      . U A 1 24 ? 6.419   -6.656  -13.687 1.00 0.00 ? 24 U A P      1 
ATOM 745 O OP1    . U A 1 24 ? 6.873   -7.352  -14.912 1.00 0.00 ? 24 U A OP1    1 
ATOM 746 O OP2    . U A 1 24 ? 7.409   -6.215  -12.679 1.00 0.00 ? 24 U A OP2    1 
ATOM 747 O "O5'"  . U A 1 24 ? 5.545   -5.379  -14.128 1.00 0.00 ? 24 U A "O5'"  1 
ATOM 748 C "C5'"  . U A 1 24 ? 4.854   -5.371  -15.380 1.00 0.00 ? 24 U A "C5'"  1 
ATOM 749 C "C4'"  . U A 1 24 ? 3.885   -4.198  -15.480 1.00 0.00 ? 24 U A "C4'"  1 
ATOM 750 O "O4'"  . U A 1 24 ? 3.098   -4.131  -14.291 1.00 0.00 ? 24 U A "O4'"  1 
ATOM 751 C "C3'"  . U A 1 24 ? 4.539   -2.833  -15.557 1.00 0.00 ? 24 U A "C3'"  1 
ATOM 752 O "O3'"  . U A 1 24 ? 4.728   -2.533  -16.941 1.00 0.00 ? 24 U A "O3'"  1 
ATOM 753 C "C2'"  . U A 1 24 ? 3.454   -1.902  -15.039 1.00 0.00 ? 24 U A "C2'"  1 
ATOM 754 O "O2'"  . U A 1 24 ? 2.548   -1.554  -16.090 1.00 0.00 ? 24 U A "O2'"  1 
ATOM 755 C "C1'"  . U A 1 24 ? 2.749   -2.767  -13.989 1.00 0.00 ? 24 U A "C1'"  1 
ATOM 756 N N1     . U A 1 24 ? 3.200   -2.453  -12.615 1.00 0.00 ? 24 U A N1     1 
ATOM 757 C C2     . U A 1 24 ? 2.614   -1.374  -11.979 1.00 0.00 ? 24 U A C2     1 
ATOM 758 O O2     . U A 1 24 ? 1.748   -0.685  -12.513 1.00 0.00 ? 24 U A O2     1 
ATOM 759 N N3     . U A 1 24 ? 3.060   -1.109  -10.698 1.00 0.00 ? 24 U A N3     1 
ATOM 760 C C4     . U A 1 24 ? 4.024   -1.818  -10.008 1.00 0.00 ? 24 U A C4     1 
ATOM 761 O O4     . U A 1 24 ? 4.336   -1.483  -8.867  1.00 0.00 ? 24 U A O4     1 
ATOM 762 C C5     . U A 1 24 ? 4.589   -2.932  -10.737 1.00 0.00 ? 24 U A C5     1 
ATOM 763 C C6     . U A 1 24 ? 4.164   -3.207  -11.996 1.00 0.00 ? 24 U A C6     1 
ATOM 764 H "H5'"  . U A 1 24 ? 4.298   -6.302  -15.485 1.00 0.00 ? 24 U A "H5'"  1 
ATOM 765 H "H5''" . U A 1 24 ? 5.583   -5.299  -16.187 1.00 0.00 ? 24 U A "H5''" 1 
ATOM 766 H "H4'"  . U A 1 24 ? 3.225   -4.357  -16.334 1.00 0.00 ? 24 U A "H4'"  1 
ATOM 767 H "H3'"  . U A 1 24 ? 5.471   -2.767  -14.996 1.00 0.00 ? 24 U A "H3'"  1 
ATOM 768 H "H2'"  . U A 1 24 ? 3.886   -1.013  -14.583 1.00 0.00 ? 24 U A "H2'"  1 
ATOM 769 H "HO2'" . U A 1 24 ? 1.703   -1.349  -15.684 1.00 0.00 ? 24 U A "HO2'" 1 
ATOM 770 H "H1'"  . U A 1 24 ? 1.667   -2.653  -14.056 1.00 0.00 ? 24 U A "H1'"  1 
ATOM 771 H H3     . U A 1 24 ? 2.642   -0.323  -10.221 1.00 0.00 ? 24 U A H3     1 
ATOM 772 H H5     . U A 1 24 ? 5.356   -3.552  -10.274 1.00 0.00 ? 24 U A H5     1 
ATOM 773 H H6     . U A 1 24 ? 4.606   -4.048  -12.532 1.00 0.00 ? 24 U A H6     1 
ATOM 774 P P      . U A 1 25 ? 5.827   -1.448  -17.399 1.00 0.00 ? 25 U A P      1 
ATOM 775 O OP1    . U A 1 25 ? 6.140   -1.678  -18.826 1.00 0.00 ? 25 U A OP1    1 
ATOM 776 O OP2    . U A 1 25 ? 6.915   -1.441  -16.395 1.00 0.00 ? 25 U A OP2    1 
ATOM 777 O "O5'"  . U A 1 25 ? 5.020   -0.061  -17.277 1.00 0.00 ? 25 U A "O5'"  1 
ATOM 778 C "C5'"  . U A 1 25 ? 3.987   0.258   -18.213 1.00 0.00 ? 25 U A "C5'"  1 
ATOM 779 C "C4'"  . U A 1 25 ? 3.116   1.408   -17.718 1.00 0.00 ? 25 U A "C4'"  1 
ATOM 780 O "O4'"  . U A 1 25 ? 2.821   1.216   -16.329 1.00 0.00 ? 25 U A "O4'"  1 
ATOM 781 C "C3'"  . U A 1 25 ? 3.774   2.775   -17.768 1.00 0.00 ? 25 U A "C3'"  1 
ATOM 782 O "O3'"  . U A 1 25 ? 3.438   3.365   -19.025 1.00 0.00 ? 25 U A "O3'"  1 
ATOM 783 C "C2'"  . U A 1 25 ? 3.027   3.546   -16.693 1.00 0.00 ? 25 U A "C2'"  1 
ATOM 784 O "O2'"  . U A 1 25 ? 1.764   4.001   -17.186 1.00 0.00 ? 25 U A "O2'"  1 
ATOM 785 C "C1'"  . U A 1 25 ? 2.833   2.471   -15.625 1.00 0.00 ? 25 U A "C1'"  1 
ATOM 786 N N1     . U A 1 25 ? 3.940   2.458   -14.643 1.00 0.00 ? 25 U A N1     1 
ATOM 787 C C2     . U A 1 25 ? 3.908   3.400   -13.629 1.00 0.00 ? 25 U A C2     1 
ATOM 788 O O2     . U A 1 25 ? 3.000   4.222   -13.520 1.00 0.00 ? 25 U A O2     1 
ATOM 789 N N3     . U A 1 25 ? 4.963   3.365   -12.738 1.00 0.00 ? 25 U A N3     1 
ATOM 790 C C4     . U A 1 25 ? 6.029   2.486   -12.770 1.00 0.00 ? 25 U A C4     1 
ATOM 791 O O4     . U A 1 25 ? 6.909   2.556   -11.915 1.00 0.00 ? 25 U A O4     1 
ATOM 792 C C5     . U A 1 25 ? 5.990   1.534   -13.856 1.00 0.00 ? 25 U A C5     1 
ATOM 793 C C6     . U A 1 25 ? 4.964   1.551   -14.742 1.00 0.00 ? 25 U A C6     1 
ATOM 794 H "H5'"  . U A 1 25 ? 3.362   -0.622  -18.366 1.00 0.00 ? 25 U A "H5'"  1 
ATOM 795 H "H5''" . U A 1 25 ? 4.442   0.539   -19.163 1.00 0.00 ? 25 U A "H5''" 1 
ATOM 796 H "H4'"  . U A 1 25 ? 2.183   1.411   -18.282 1.00 0.00 ? 25 U A "H4'"  1 
ATOM 797 H "H3'"  . U A 1 25 ? 4.852   2.744   -17.609 1.00 0.00 ? 25 U A "H3'"  1 
ATOM 798 H "H2'"  . U A 1 25 ? 3.627   4.372   -16.314 1.00 0.00 ? 25 U A "H2'"  1 
ATOM 799 H "HO2'" . U A 1 25 ? 1.109   3.343   -16.943 1.00 0.00 ? 25 U A "HO2'" 1 
ATOM 800 H "H1'"  . U A 1 25 ? 1.883   2.603   -15.104 1.00 0.00 ? 25 U A "H1'"  1 
ATOM 801 H H3     . U A 1 25 ? 4.955   4.048   -11.994 1.00 0.00 ? 25 U A H3     1 
ATOM 802 H H5     . U A 1 25 ? 6.790   0.800   -13.964 1.00 0.00 ? 25 U A H5     1 
ATOM 803 H H6     . U A 1 25 ? 4.953   0.826   -15.556 1.00 0.00 ? 25 U A H6     1 
ATOM 804 P P      . C A 1 26 ? 4.452   4.391   -19.740 1.00 0.00 ? 26 C A P      1 
ATOM 805 O OP1    . C A 1 26 ? 3.836   4.846   -21.006 1.00 0.00 ? 26 C A OP1    1 
ATOM 806 O OP2    . C A 1 26 ? 5.798   3.776   -19.754 1.00 0.00 ? 26 C A OP2    1 
ATOM 807 O "O5'"  . C A 1 26 ? 4.475   5.632   -18.715 1.00 0.00 ? 26 C A "O5'"  1 
ATOM 808 C "C5'"  . C A 1 26 ? 3.379   6.549   -18.666 1.00 0.00 ? 26 C A "C5'"  1 
ATOM 809 C "C4'"  . C A 1 26 ? 3.477   7.483   -17.464 1.00 0.00 ? 26 C A "C4'"  1 
ATOM 810 O "O4'"  . C A 1 26 ? 3.658   6.717   -16.273 1.00 0.00 ? 26 C A "O4'"  1 
ATOM 811 C "C3'"  . C A 1 26 ? 4.673   8.410   -17.467 1.00 0.00 ? 26 C A "C3'"  1 
ATOM 812 O "O3'"  . C A 1 26 ? 4.294   9.599   -18.163 1.00 0.00 ? 26 C A "O3'"  1 
ATOM 813 C "C2'"  . C A 1 26 ? 4.814   8.774   -15.997 1.00 0.00 ? 26 C A "C2'"  1 
ATOM 814 O "O2'"  . C A 1 26 ? 3.912   9.829   -15.651 1.00 0.00 ? 26 C A "O2'"  1 
ATOM 815 C "C1'"  . C A 1 26 ? 4.408   7.471   -15.302 1.00 0.00 ? 26 C A "C1'"  1 
ATOM 816 N N1     . C A 1 26 ? 5.585   6.674   -14.885 1.00 0.00 ? 26 C A N1     1 
ATOM 817 C C2     . C A 1 26 ? 6.150   6.954   -13.648 1.00 0.00 ? 26 C A C2     1 
ATOM 818 O O2     . C A 1 26 ? 5.665   7.824   -12.930 1.00 0.00 ? 26 C A O2     1 
ATOM 819 N N3     . C A 1 26 ? 7.243   6.244   -13.252 1.00 0.00 ? 26 C A N3     1 
ATOM 820 C C4     . C A 1 26 ? 7.763   5.294   -14.042 1.00 0.00 ? 26 C A C4     1 
ATOM 821 N N4     . C A 1 26 ? 8.835   4.638   -13.601 1.00 0.00 ? 26 C A N4     1 
ATOM 822 C C5     . C A 1 26 ? 7.185   5.000   -15.318 1.00 0.00 ? 26 C A C5     1 
ATOM 823 C C6     . C A 1 26 ? 6.105   5.709   -15.698 1.00 0.00 ? 26 C A C6     1 
ATOM 824 H "H5'"  . C A 1 26 ? 2.448   5.986   -18.603 1.00 0.00 ? 26 C A "H5'"  1 
ATOM 825 H "H5''" . C A 1 26 ? 3.373   7.144   -19.579 1.00 0.00 ? 26 C A "H5''" 1 
ATOM 826 H "H4'"  . C A 1 26 ? 2.550   8.053   -17.383 1.00 0.00 ? 26 C A "H4'"  1 
ATOM 827 H "H3'"  . C A 1 26 ? 5.571   7.960   -17.890 1.00 0.00 ? 26 C A "H3'"  1 
ATOM 828 H "H2'"  . C A 1 26 ? 5.841   9.039   -15.755 1.00 0.00 ? 26 C A "H2'"  1 
ATOM 829 H "HO2'" . C A 1 26 ? 4.035   10.016  -14.717 1.00 0.00 ? 26 C A "HO2'" 1 
ATOM 830 H "H1'"  . C A 1 26 ? 3.776   7.674   -14.439 1.00 0.00 ? 26 C A "H1'"  1 
ATOM 831 H H41    . C A 1 26 ? 9.260   4.896   -12.721 1.00 0.00 ? 26 C A H41    1 
ATOM 832 H H42    . C A 1 26 ? 9.225   3.882   -14.147 1.00 0.00 ? 26 C A H42    1 
ATOM 833 H H5     . C A 1 26 ? 7.600   4.230   -15.967 1.00 0.00 ? 26 C A H5     1 
ATOM 834 H H6     . C A 1 26 ? 5.642   5.511   -16.664 1.00 0.00 ? 26 C A H6     1 
ATOM 835 P P      . C A 1 27 ? 5.413   10.528  -18.856 1.00 0.00 ? 27 C A P      1 
ATOM 836 O OP1    . C A 1 27 ? 4.723   11.566  -19.654 1.00 0.00 ? 27 C A OP1    1 
ATOM 837 O OP2    . C A 1 27 ? 6.412   9.645   -19.500 1.00 0.00 ? 27 C A OP2    1 
ATOM 838 O "O5'"  . C A 1 27 ? 6.110   11.241  -17.592 1.00 0.00 ? 27 C A "O5'"  1 
ATOM 839 C "C5'"  . C A 1 27 ? 5.704   12.551  -17.188 1.00 0.00 ? 27 C A "C5'"  1 
ATOM 840 C "C4'"  . C A 1 27 ? 6.588   13.097  -16.071 1.00 0.00 ? 27 C A "C4'"  1 
ATOM 841 O "O4'"  . C A 1 27 ? 6.812   12.080  -15.098 1.00 0.00 ? 27 C A "O4'"  1 
ATOM 842 C "C3'"  . C A 1 27 ? 7.988   13.499  -16.496 1.00 0.00 ? 27 C A "C3'"  1 
ATOM 843 O "O3'"  . C A 1 27 ? 7.988   14.815  -17.055 1.00 0.00 ? 27 C A "O3'"  1 
ATOM 844 C "C2'"  . C A 1 27 ? 8.724   13.480  -15.161 1.00 0.00 ? 27 C A "C2'"  1 
ATOM 845 O "O2'"  . C A 1 27 ? 8.499   14.702  -14.450 1.00 0.00 ? 27 C A "O2'"  1 
ATOM 846 C "C1'"  . C A 1 27 ? 8.063   12.305  -14.431 1.00 0.00 ? 27 C A "C1'"  1 
ATOM 847 N N1     . C A 1 27 ? 8.878   11.071  -14.501 1.00 0.00 ? 27 C A N1     1 
ATOM 848 C C2     . C A 1 27 ? 9.919   10.935  -13.592 1.00 0.00 ? 27 C A C2     1 
ATOM 849 O O2     . C A 1 27 ? 10.133  11.816  -12.764 1.00 0.00 ? 27 C A O2     1 
ATOM 850 N N3     . C A 1 27 ? 10.687  9.812   -13.640 1.00 0.00 ? 27 C A N3     1 
ATOM 851 C C4     . C A 1 27 ? 10.443  8.856   -14.546 1.00 0.00 ? 27 C A C4     1 
ATOM 852 N N4     . C A 1 27 ? 11.232  7.781   -14.543 1.00 0.00 ? 27 C A N4     1 
ATOM 853 C C5     . C A 1 27 ? 9.372   8.988   -15.485 1.00 0.00 ? 27 C A C5     1 
ATOM 854 C C6     . C A 1 27 ? 8.619   10.104  -15.428 1.00 0.00 ? 27 C A C6     1 
ATOM 855 H "H5'"  . C A 1 27 ? 4.673   12.511  -16.837 1.00 0.00 ? 27 C A "H5'"  1 
ATOM 856 H "H5''" . C A 1 27 ? 5.762   13.222  -18.046 1.00 0.00 ? 27 C A "H5''" 1 
ATOM 857 H "H4'"  . C A 1 27 ? 6.077   13.936  -15.596 1.00 0.00 ? 27 C A "H4'"  1 
ATOM 858 H "H3'"  . C A 1 27 ? 8.412   12.773  -17.191 1.00 0.00 ? 27 C A "H3'"  1 
ATOM 859 H "HO3'" . C A 1 27 ? 7.788   15.428  -16.344 1.00 0.00 ? 27 C A "HO3'" 1 
ATOM 860 H "H2'"  . C A 1 27 ? 9.789   13.300  -15.305 1.00 0.00 ? 27 C A "H2'"  1 
ATOM 861 H "HO2'" . C A 1 27 ? 9.075   15.366  -14.836 1.00 0.00 ? 27 C A "HO2'" 1 
ATOM 862 H "H1'"  . C A 1 27 ? 7.869   12.556  -13.387 1.00 0.00 ? 27 C A "H1'"  1 
ATOM 863 H H41    . C A 1 27 ? 12.026  7.738   -13.919 1.00 0.00 ? 27 C A H41    1 
ATOM 864 H H42    . C A 1 27 ? 11.035  7.010   -15.165 1.00 0.00 ? 27 C A H42    1 
ATOM 865 H H5     . C A 1 27 ? 9.165   8.217   -16.227 1.00 0.00 ? 27 C A H5     1 
ATOM 866 H H6     . C A 1 27 ? 7.794   10.235  -16.127 1.00 0.00 ? 27 C A H6     1 
# 
